data_7QQL
#
_entry.id   7QQL
#
_cell.length_a   97.460
_cell.length_b   60.550
_cell.length_c   135.210
_cell.angle_alpha   90.000
_cell.angle_beta   92.420
_cell.angle_gamma   90.000
#
_symmetry.space_group_name_H-M   'P 1 21 1'
#
loop_
_entity.id
_entity.type
_entity.pdbx_description
1 polymer 'Gamma-2-syntrophin,Annexin A2'
2 polymer 'Ribosomal protein S6 kinase alpha-1'
3 non-polymer 'CALCIUM ION'
4 non-polymer GLYCEROL
5 water water
#
loop_
_entity_poly.entity_id
_entity_poly.type
_entity_poly.pdbx_seq_one_letter_code
_entity_poly.pdbx_strand_id
1 'polypeptide(L)'
;GSHMGNRRTVTLRRQPVGGLGLSIKGGSEHNVPVVISKIFEDQAADQTGMLFVGDAVLQVNGIHVENATHEEVVHLLRNA
GDEVTITVEYLREAPGSAYTNFDAERDALNIETAIKTKGVDEVTIVNILTNRSNEQRQDIAFAYQRRTKKELASALKSAL
SGHLETVILGLLKTPAQYDASELKASMKGLGTDEDSLIEIICSRTNQELQEINRVYKEMYKTDLEKDIISDTSGDFRKLM
VALAKGRRAEDGSVIDYELIDQDARDLYDAGVKRKGTDVPKWISIMTERSVPHLQKVFDRYKSYSPYDMLESIRKEVKGD
LENAFLNLVQCIQNKPLYFADRLYDSMKGKGTRDKVLIRIMVSRSEVDMLKIRSEFKRKYGKSLYYYIQQDTKGDYQKAL
LYLCGGDD
;
C,A,B
2 'polypeptide(L)' RRVRKLP(SEP)TTL F,D,E
#
# COMPACT_ATOMS: atom_id res chain seq x y z
N ASN A 6 -3.06 7.19 -43.92
CA ASN A 6 -2.87 8.34 -44.79
C ASN A 6 -1.42 8.79 -44.81
N ARG A 7 -0.50 7.83 -44.92
CA ARG A 7 0.92 8.12 -44.92
C ARG A 7 1.34 8.53 -46.33
N ARG A 8 1.38 9.85 -46.57
CA ARG A 8 1.70 10.41 -47.87
C ARG A 8 3.11 10.97 -47.86
N THR A 9 3.81 10.79 -48.99
CA THR A 9 5.15 11.32 -49.18
C THR A 9 5.10 12.32 -50.33
N VAL A 10 5.37 13.59 -50.03
CA VAL A 10 5.20 14.69 -50.97
C VAL A 10 6.53 15.42 -51.13
N THR A 11 6.86 15.79 -52.37
CA THR A 11 8.07 16.54 -52.68
C THR A 11 7.68 17.97 -53.02
N LEU A 12 8.11 18.91 -52.20
CA LEU A 12 7.87 20.33 -52.41
C LEU A 12 9.10 20.94 -53.08
N ARG A 13 8.86 21.89 -53.99
CA ARG A 13 9.93 22.65 -54.60
C ARG A 13 9.99 24.02 -53.94
N ARG A 14 11.10 24.30 -53.27
CA ARG A 14 11.29 25.61 -52.64
C ARG A 14 11.23 26.70 -53.70
N GLN A 15 10.44 27.74 -53.42
CA GLN A 15 10.23 28.81 -54.37
C GLN A 15 10.38 30.16 -53.68
N PRO A 16 10.85 31.18 -54.41
CA PRO A 16 11.06 32.50 -53.77
C PRO A 16 9.79 33.09 -53.19
N VAL A 17 8.63 32.79 -53.76
CA VAL A 17 7.36 33.34 -53.28
C VAL A 17 6.82 32.36 -52.23
N GLY A 18 7.28 32.53 -50.99
CA GLY A 18 6.76 31.78 -49.88
C GLY A 18 7.64 30.65 -49.37
N GLY A 19 8.79 30.40 -49.98
CA GLY A 19 9.65 29.32 -49.57
C GLY A 19 9.02 27.96 -49.80
N LEU A 20 8.51 27.35 -48.73
CA LEU A 20 7.76 26.11 -48.84
C LEU A 20 6.25 26.34 -48.78
N GLY A 21 5.81 27.55 -48.48
CA GLY A 21 4.40 27.89 -48.53
C GLY A 21 3.55 27.28 -47.44
N LEU A 22 4.13 27.04 -46.25
CA LEU A 22 3.37 26.42 -45.17
C LEU A 22 3.87 26.95 -43.83
N SER A 23 3.04 26.74 -42.81
CA SER A 23 3.41 26.96 -41.42
C SER A 23 3.21 25.66 -40.66
N ILE A 24 4.07 25.43 -39.66
CA ILE A 24 3.98 24.24 -38.84
C ILE A 24 3.88 24.65 -37.37
N LYS A 25 3.16 23.86 -36.60
CA LYS A 25 3.05 24.04 -35.16
C LYS A 25 3.21 22.70 -34.47
N GLY A 26 3.54 22.75 -33.18
CA GLY A 26 3.78 21.56 -32.41
C GLY A 26 5.26 21.25 -32.27
N GLY A 27 5.53 20.07 -31.73
CA GLY A 27 6.88 19.63 -31.47
C GLY A 27 6.94 18.88 -30.16
N SER A 28 7.98 18.04 -30.01
CA SER A 28 8.08 17.19 -28.83
C SER A 28 8.36 17.98 -27.56
N GLU A 29 8.77 19.24 -27.66
CA GLU A 29 8.94 20.05 -26.45
C GLU A 29 7.61 20.32 -25.78
N HIS A 30 6.52 20.32 -26.54
CA HIS A 30 5.17 20.37 -26.00
C HIS A 30 4.51 18.99 -26.03
N ASN A 31 5.28 17.94 -26.30
CA ASN A 31 4.79 16.55 -26.33
C ASN A 31 3.63 16.39 -27.32
N VAL A 32 3.77 17.01 -28.49
CA VAL A 32 2.81 16.84 -29.58
C VAL A 32 3.56 16.72 -30.89
N PRO A 33 3.00 15.99 -31.84
CA PRO A 33 3.65 15.89 -33.15
C PRO A 33 3.60 17.21 -33.90
N VAL A 34 4.61 17.43 -34.73
CA VAL A 34 4.64 18.62 -35.58
C VAL A 34 3.54 18.52 -36.62
N VAL A 35 2.71 19.55 -36.71
CA VAL A 35 1.52 19.54 -37.55
C VAL A 35 1.54 20.77 -38.45
N ILE A 36 1.18 20.57 -39.72
CA ILE A 36 1.06 21.69 -40.65
C ILE A 36 -0.01 22.65 -40.13
N SER A 37 0.38 23.90 -39.89
CA SER A 37 -0.53 24.91 -39.37
C SER A 37 -1.26 25.66 -40.48
N LYS A 38 -0.51 26.23 -41.42
CA LYS A 38 -1.08 26.98 -42.52
C LYS A 38 -0.57 26.41 -43.84
N ILE A 39 -1.35 26.64 -44.90
CA ILE A 39 -0.96 26.34 -46.26
C ILE A 39 -1.32 27.56 -47.11
N PHE A 40 -0.33 28.37 -47.43
CA PHE A 40 -0.56 29.59 -48.19
C PHE A 40 -0.89 29.24 -49.64
N GLU A 41 -2.06 29.71 -50.10
CA GLU A 41 -2.58 29.26 -51.38
C GLU A 41 -1.67 29.69 -52.53
N ASP A 42 -1.66 28.87 -53.58
CA ASP A 42 -0.88 29.03 -54.80
C ASP A 42 0.62 28.92 -54.55
N GLN A 43 1.06 28.72 -53.32
CA GLN A 43 2.48 28.59 -53.02
C GLN A 43 2.88 27.11 -53.05
N ALA A 44 4.10 26.81 -52.58
CA ALA A 44 4.69 25.50 -52.81
C ALA A 44 3.85 24.38 -52.20
N ALA A 45 3.47 24.53 -50.93
CA ALA A 45 2.72 23.47 -50.27
C ALA A 45 1.35 23.28 -50.90
N ASP A 46 0.72 24.36 -51.36
CA ASP A 46 -0.59 24.26 -52.00
C ASP A 46 -0.47 23.67 -53.39
N GLN A 47 0.62 23.98 -54.11
CA GLN A 47 0.78 23.51 -55.48
C GLN A 47 0.84 21.99 -55.57
N THR A 48 1.37 21.34 -54.54
CA THR A 48 1.51 19.89 -54.58
C THR A 48 0.14 19.21 -54.65
N GLY A 49 -0.84 19.75 -53.93
CA GLY A 49 -2.16 19.16 -53.90
C GLY A 49 -2.32 17.98 -52.98
N MET A 50 -1.28 17.57 -52.26
CA MET A 50 -1.36 16.45 -51.34
C MET A 50 -1.10 16.84 -49.89
N LEU A 51 -0.82 18.11 -49.61
CA LEU A 51 -0.60 18.58 -48.26
C LEU A 51 -1.84 19.32 -47.77
N PHE A 52 -2.20 19.08 -46.51
CA PHE A 52 -3.41 19.64 -45.92
C PHE A 52 -3.11 20.16 -44.52
N VAL A 53 -3.88 21.15 -44.10
CA VAL A 53 -3.78 21.63 -42.73
C VAL A 53 -4.21 20.53 -41.77
N GLY A 54 -3.35 20.19 -40.82
CA GLY A 54 -3.59 19.09 -39.92
C GLY A 54 -2.75 17.86 -40.19
N ASP A 55 -1.84 17.91 -41.17
CA ASP A 55 -0.98 16.77 -41.46
C ASP A 55 0.19 16.73 -40.49
N ALA A 56 0.40 15.57 -39.86
CA ALA A 56 1.52 15.38 -38.96
C ALA A 56 2.77 15.05 -39.78
N VAL A 57 3.85 15.79 -39.51
CA VAL A 57 5.09 15.63 -40.25
C VAL A 57 5.89 14.50 -39.62
N LEU A 58 6.14 13.44 -40.39
CA LEU A 58 6.82 12.25 -39.90
C LEU A 58 8.26 12.13 -40.37
N GLN A 59 8.54 12.52 -41.61
CA GLN A 59 9.89 12.46 -42.15
C GLN A 59 10.16 13.69 -42.99
N VAL A 60 11.43 14.11 -43.00
CA VAL A 60 11.92 15.19 -43.86
C VAL A 60 13.10 14.63 -44.63
N ASN A 61 12.91 14.35 -45.91
CA ASN A 61 13.94 13.72 -46.75
C ASN A 61 14.40 12.39 -46.16
N GLY A 62 13.43 11.60 -45.69
CA GLY A 62 13.74 10.32 -45.08
C GLY A 62 14.24 10.38 -43.66
N ILE A 63 14.43 11.57 -43.11
CA ILE A 63 14.91 11.72 -41.73
C ILE A 63 13.71 11.76 -40.80
N HIS A 64 13.65 10.81 -39.86
CA HIS A 64 12.51 10.70 -38.96
C HIS A 64 12.43 11.91 -38.04
N VAL A 65 11.21 12.45 -37.90
CA VAL A 65 10.98 13.60 -37.04
C VAL A 65 9.72 13.38 -36.22
N GLU A 66 9.27 12.12 -36.13
CA GLU A 66 8.04 11.82 -35.40
C GLU A 66 8.13 12.23 -33.94
N ASN A 67 9.34 12.29 -33.39
CA ASN A 67 9.56 12.65 -31.99
C ASN A 67 10.48 13.86 -31.86
N ALA A 68 10.65 14.64 -32.92
CA ALA A 68 11.56 15.77 -32.94
C ALA A 68 10.89 17.02 -32.36
N THR A 69 11.72 17.99 -31.99
CA THR A 69 11.22 19.25 -31.47
C THR A 69 10.85 20.19 -32.61
N HIS A 70 10.27 21.33 -32.25
CA HIS A 70 9.83 22.29 -33.27
C HIS A 70 11.00 22.88 -34.03
N GLU A 71 12.08 23.24 -33.32
CA GLU A 71 13.24 23.83 -33.98
C GLU A 71 13.99 22.82 -34.84
N GLU A 72 13.98 21.55 -34.44
CA GLU A 72 14.65 20.53 -35.23
C GLU A 72 13.97 20.33 -36.58
N VAL A 73 12.63 20.41 -36.61
CA VAL A 73 11.91 20.28 -37.87
C VAL A 73 12.04 21.56 -38.69
N VAL A 74 12.03 22.72 -38.04
CA VAL A 74 12.24 23.98 -38.74
C VAL A 74 13.64 24.01 -39.35
N HIS A 75 14.63 23.49 -38.63
CA HIS A 75 16.00 23.51 -39.14
C HIS A 75 16.17 22.58 -40.33
N LEU A 76 15.49 21.42 -40.30
CA LEU A 76 15.57 20.49 -41.43
C LEU A 76 14.93 21.08 -42.68
N LEU A 77 13.73 21.66 -42.52
CA LEU A 77 13.01 22.19 -43.68
C LEU A 77 13.71 23.39 -44.31
N ARG A 78 14.60 24.06 -43.57
CA ARG A 78 15.34 25.20 -44.11
C ARG A 78 16.69 24.82 -44.70
N ASN A 79 17.12 23.57 -44.54
CA ASN A 79 18.40 23.12 -45.08
C ASN A 79 18.24 21.91 -46.01
N ALA A 80 17.03 21.59 -46.43
CA ALA A 80 16.78 20.42 -47.25
C ALA A 80 16.98 20.66 -48.74
N GLY A 81 17.42 21.85 -49.12
CA GLY A 81 17.66 22.14 -50.53
C GLY A 81 16.44 22.69 -51.23
N ASP A 82 16.57 22.80 -52.55
CA ASP A 82 15.47 23.28 -53.38
C ASP A 82 14.37 22.25 -53.53
N GLU A 83 14.68 20.96 -53.34
CA GLU A 83 13.72 19.88 -53.41
C GLU A 83 13.60 19.25 -52.03
N VAL A 84 12.47 19.47 -51.36
CA VAL A 84 12.22 18.96 -50.02
C VAL A 84 11.12 17.92 -50.09
N THR A 85 11.39 16.73 -49.55
CA THR A 85 10.45 15.63 -49.53
C THR A 85 9.98 15.39 -48.10
N ILE A 86 8.68 15.49 -47.87
CA ILE A 86 8.09 15.35 -46.55
C ILE A 86 7.16 14.15 -46.55
N THR A 87 7.22 13.36 -45.49
CA THR A 87 6.30 12.25 -45.28
C THR A 87 5.33 12.66 -44.18
N VAL A 88 4.04 12.68 -44.51
CA VAL A 88 3.02 13.21 -43.62
C VAL A 88 1.95 12.15 -43.36
N GLU A 89 1.05 12.48 -42.45
CA GLU A 89 -0.08 11.63 -42.11
C GLU A 89 -1.09 12.49 -41.36
N TYR A 90 -2.36 12.35 -41.73
CA TYR A 90 -3.42 13.18 -41.15
C TYR A 90 -3.56 12.92 -39.65
N ALA A 98 -3.60 12.59 -24.52
CA ALA A 98 -3.53 11.90 -23.23
C ALA A 98 -2.31 10.97 -23.18
N TYR A 99 -1.48 11.16 -22.16
CA TYR A 99 -0.26 10.36 -22.01
C TYR A 99 -0.61 8.95 -21.56
N THR A 100 -0.16 7.97 -22.31
CA THR A 100 -0.46 6.56 -22.04
C THR A 100 0.81 5.82 -21.65
N ASN A 101 0.62 4.55 -21.25
CA ASN A 101 1.77 3.70 -20.92
C ASN A 101 2.63 3.44 -22.15
N PHE A 102 2.01 3.44 -23.34
CA PHE A 102 2.77 3.34 -24.58
C PHE A 102 3.77 4.49 -24.69
N ASP A 103 3.32 5.71 -24.38
CA ASP A 103 4.21 6.86 -24.43
C ASP A 103 5.34 6.73 -23.42
N ALA A 104 5.04 6.17 -22.25
CA ALA A 104 6.08 5.94 -21.26
C ALA A 104 7.12 4.96 -21.77
N GLU A 105 6.68 3.89 -22.45
CA GLU A 105 7.62 2.90 -22.93
C GLU A 105 8.48 3.44 -24.08
N ARG A 106 7.86 4.21 -24.98
CA ARG A 106 8.64 4.82 -26.05
C ARG A 106 9.63 5.84 -25.51
N ASP A 107 9.20 6.66 -24.54
CA ASP A 107 10.13 7.57 -23.87
C ASP A 107 11.24 6.81 -23.16
N ALA A 108 10.89 5.72 -22.46
CA ALA A 108 11.89 4.92 -21.77
C ALA A 108 12.82 4.21 -22.74
N LEU A 109 12.31 3.78 -23.90
CA LEU A 109 13.16 3.14 -24.89
C LEU A 109 14.15 4.13 -25.48
N ASN A 110 13.70 5.34 -25.80
CA ASN A 110 14.59 6.33 -26.38
C ASN A 110 15.65 6.78 -25.38
N ILE A 111 15.27 6.91 -24.11
CA ILE A 111 16.25 7.25 -23.07
C ILE A 111 17.27 6.13 -22.93
N GLU A 112 16.82 4.87 -23.02
CA GLU A 112 17.76 3.76 -22.97
C GLU A 112 18.74 3.80 -24.12
N THR A 113 18.26 4.11 -25.33
CA THR A 113 19.15 4.20 -26.48
C THR A 113 20.16 5.33 -26.31
N ALA A 114 19.72 6.48 -25.78
CA ALA A 114 20.62 7.61 -25.60
C ALA A 114 21.66 7.34 -24.52
N ILE A 115 21.32 6.54 -23.51
CA ILE A 115 22.30 6.23 -22.46
C ILE A 115 23.33 5.23 -22.98
N LYS A 116 22.89 4.22 -23.73
CA LYS A 116 23.79 3.20 -24.24
C LYS A 116 24.58 3.67 -25.45
N THR A 117 24.24 4.82 -26.03
CA THR A 117 25.06 5.39 -27.09
C THR A 117 26.43 5.76 -26.57
N LYS A 118 27.46 5.48 -27.37
CA LYS A 118 28.82 5.81 -26.98
C LYS A 118 28.97 7.33 -26.82
N GLY A 119 29.41 7.75 -25.63
CA GLY A 119 29.53 9.16 -25.32
C GLY A 119 28.30 9.77 -24.70
N VAL A 120 27.18 9.04 -24.64
CA VAL A 120 25.91 9.48 -24.07
C VAL A 120 25.29 10.58 -24.92
N ASP A 121 24.06 10.34 -25.36
CA ASP A 121 23.30 11.33 -26.13
C ASP A 121 22.48 12.15 -25.14
N GLU A 122 23.09 13.23 -24.63
CA GLU A 122 22.42 14.05 -23.63
C GLU A 122 21.27 14.85 -24.23
N VAL A 123 21.34 15.15 -25.53
CA VAL A 123 20.30 15.97 -26.15
C VAL A 123 18.95 15.26 -26.11
N THR A 124 18.95 13.97 -26.47
CA THR A 124 17.71 13.21 -26.43
C THR A 124 17.18 13.09 -25.01
N ILE A 125 18.06 12.83 -24.05
CA ILE A 125 17.64 12.72 -22.65
C ILE A 125 17.01 14.03 -22.18
N VAL A 126 17.59 15.17 -22.58
CA VAL A 126 17.06 16.46 -22.17
C VAL A 126 15.75 16.76 -22.90
N ASN A 127 15.67 16.41 -24.18
CA ASN A 127 14.46 16.68 -24.96
C ASN A 127 13.23 16.07 -24.31
N ILE A 128 13.36 14.84 -23.78
CA ILE A 128 12.21 14.14 -23.23
C ILE A 128 11.92 14.60 -21.81
N LEU A 129 12.87 14.39 -20.90
CA LEU A 129 12.59 14.51 -19.47
C LEU A 129 12.21 15.93 -19.07
N THR A 130 12.85 16.93 -19.66
CA THR A 130 12.50 18.32 -19.34
C THR A 130 11.20 18.75 -19.99
N ASN A 131 10.59 17.92 -20.82
CA ASN A 131 9.34 18.23 -21.49
C ASN A 131 8.25 17.22 -21.14
N ARG A 132 8.36 16.61 -19.97
CA ARG A 132 7.31 15.76 -19.42
C ARG A 132 6.94 16.27 -18.04
N SER A 133 5.70 16.03 -17.64
CA SER A 133 5.28 16.38 -16.30
C SER A 133 5.91 15.42 -15.29
N ASN A 134 5.96 15.86 -14.03
CA ASN A 134 6.57 15.03 -12.99
C ASN A 134 5.88 13.68 -12.88
N GLU A 135 4.56 13.65 -13.03
CA GLU A 135 3.84 12.38 -13.01
C GLU A 135 4.22 11.52 -14.22
N GLN A 136 4.45 12.15 -15.37
CA GLN A 136 4.86 11.40 -16.55
C GLN A 136 6.28 10.86 -16.42
N ARG A 137 7.15 11.59 -15.74
CA ARG A 137 8.51 11.10 -15.53
C ARG A 137 8.52 9.87 -14.64
N GLN A 138 7.57 9.76 -13.70
CA GLN A 138 7.46 8.55 -12.89
C GLN A 138 7.00 7.38 -13.76
N ASP A 139 6.08 7.63 -14.69
CA ASP A 139 5.67 6.58 -15.63
C ASP A 139 6.83 6.14 -16.51
N ILE A 140 7.70 7.09 -16.89
CA ILE A 140 8.89 6.75 -17.65
C ILE A 140 9.83 5.90 -16.80
N ALA A 141 10.02 6.27 -15.53
CA ALA A 141 10.90 5.51 -14.66
C ALA A 141 10.37 4.10 -14.41
N PHE A 142 9.04 3.96 -14.34
CA PHE A 142 8.46 2.63 -14.15
C PHE A 142 8.69 1.75 -15.37
N ALA A 143 8.49 2.30 -16.56
CA ALA A 143 8.69 1.52 -17.78
C ALA A 143 10.16 1.26 -18.06
N TYR A 144 11.03 2.19 -17.68
CA TYR A 144 12.47 1.98 -17.89
C TYR A 144 12.99 0.81 -17.07
N GLN A 145 12.48 0.64 -15.85
CA GLN A 145 12.92 -0.47 -15.01
C GLN A 145 12.34 -1.81 -15.46
N ARG A 146 11.12 -1.79 -16.02
CA ARG A 146 10.55 -3.03 -16.56
C ARG A 146 11.36 -3.51 -17.76
N ARG A 147 11.85 -2.59 -18.59
CA ARG A 147 12.48 -2.99 -19.84
C ARG A 147 13.96 -3.28 -19.67
N THR A 148 14.64 -2.59 -18.74
CA THR A 148 16.08 -2.71 -18.58
C THR A 148 16.51 -3.39 -17.29
N LYS A 149 15.58 -3.60 -16.35
CA LYS A 149 15.89 -4.13 -15.01
C LYS A 149 16.85 -3.22 -14.24
N LYS A 150 16.95 -1.95 -14.64
CA LYS A 150 17.80 -0.99 -13.96
C LYS A 150 16.96 0.21 -13.52
N GLU A 151 17.41 0.86 -12.45
CA GLU A 151 16.76 2.09 -12.00
C GLU A 151 17.23 3.24 -12.88
N LEU A 152 16.26 4.02 -13.38
CA LEU A 152 16.58 5.10 -14.31
C LEU A 152 17.42 6.20 -13.65
N ALA A 153 17.19 6.46 -12.36
CA ALA A 153 17.94 7.50 -11.67
C ALA A 153 19.42 7.11 -11.58
N SER A 154 19.70 5.88 -11.16
CA SER A 154 21.10 5.46 -11.05
C SER A 154 21.75 5.31 -12.42
N ALA A 155 20.98 4.95 -13.45
CA ALA A 155 21.53 4.88 -14.79
C ALA A 155 21.95 6.27 -15.28
N LEU A 156 21.09 7.27 -15.06
CA LEU A 156 21.43 8.63 -15.44
C LEU A 156 22.47 9.26 -14.52
N LYS A 157 22.61 8.74 -13.30
CA LYS A 157 23.61 9.29 -12.39
C LYS A 157 25.03 9.05 -12.88
N SER A 158 25.28 7.87 -13.44
CA SER A 158 26.58 7.55 -14.04
C SER A 158 26.71 8.01 -15.48
N ALA A 159 25.59 8.14 -16.20
CA ALA A 159 25.65 8.59 -17.59
C ALA A 159 25.83 10.10 -17.71
N LEU A 160 25.37 10.85 -16.72
CA LEU A 160 25.46 12.30 -16.75
C LEU A 160 26.45 12.79 -15.69
N SER A 161 26.74 14.07 -15.75
CA SER A 161 27.70 14.69 -14.83
C SER A 161 27.44 16.19 -14.77
N GLY A 162 28.03 16.83 -13.77
CA GLY A 162 27.97 18.28 -13.67
C GLY A 162 26.58 18.79 -13.32
N HIS A 163 26.31 20.02 -13.75
CA HIS A 163 25.03 20.65 -13.47
C HIS A 163 23.87 19.93 -14.15
N LEU A 164 24.10 19.39 -15.36
CA LEU A 164 23.04 18.66 -16.03
C LEU A 164 22.60 17.45 -15.21
N GLU A 165 23.55 16.79 -14.55
CA GLU A 165 23.20 15.66 -13.68
C GLU A 165 22.31 16.12 -12.54
N THR A 166 22.61 17.29 -11.96
CA THR A 166 21.81 17.80 -10.86
C THR A 166 20.37 18.09 -11.31
N VAL A 167 20.20 18.64 -12.51
CA VAL A 167 18.87 18.96 -13.00
C VAL A 167 18.06 17.70 -13.26
N ILE A 168 18.66 16.74 -13.98
CA ILE A 168 17.90 15.56 -14.40
C ILE A 168 17.53 14.71 -13.20
N LEU A 169 18.47 14.49 -12.27
CA LEU A 169 18.17 13.69 -11.09
C LEU A 169 17.12 14.38 -10.21
N GLY A 170 17.19 15.71 -10.12
CA GLY A 170 16.16 16.43 -9.37
C GLY A 170 14.80 16.36 -10.04
N LEU A 171 14.78 16.35 -11.38
CA LEU A 171 13.52 16.25 -12.10
C LEU A 171 12.86 14.89 -11.90
N LEU A 172 13.65 13.87 -11.62
CA LEU A 172 13.12 12.51 -11.50
C LEU A 172 12.38 12.28 -10.19
N LYS A 173 12.71 13.01 -9.14
CA LYS A 173 12.01 12.88 -7.87
C LYS A 173 10.64 13.52 -7.95
N THR A 174 9.71 13.00 -7.15
CA THR A 174 8.42 13.64 -7.00
C THR A 174 8.59 15.00 -6.32
N PRO A 175 7.60 15.89 -6.44
CA PRO A 175 7.71 17.19 -5.75
C PRO A 175 8.02 17.07 -4.26
N ALA A 176 7.46 16.07 -3.58
CA ALA A 176 7.75 15.90 -2.16
C ALA A 176 9.16 15.34 -1.95
N GLN A 177 9.55 14.34 -2.74
CA GLN A 177 10.89 13.77 -2.60
C GLN A 177 11.96 14.82 -2.85
N TYR A 178 11.82 15.59 -3.92
CA TYR A 178 12.82 16.62 -4.22
C TYR A 178 12.88 17.65 -3.11
N ASP A 179 11.72 18.14 -2.65
CA ASP A 179 11.70 19.10 -1.55
C ASP A 179 12.29 18.50 -0.28
N ALA A 180 11.96 17.23 0.01
CA ALA A 180 12.47 16.60 1.22
C ALA A 180 13.98 16.42 1.17
N SER A 181 14.50 15.95 0.03
CA SER A 181 15.94 15.77 -0.09
C SER A 181 16.69 17.10 -0.06
N GLU A 182 16.10 18.13 -0.66
CA GLU A 182 16.71 19.46 -0.61
C GLU A 182 16.68 20.01 0.82
N LEU A 183 15.60 19.75 1.55
CA LEU A 183 15.55 20.13 2.96
C LEU A 183 16.63 19.41 3.77
N LYS A 184 16.76 18.10 3.54
CA LYS A 184 17.79 17.34 4.26
C LYS A 184 19.19 17.86 3.93
N ALA A 185 19.41 18.25 2.67
CA ALA A 185 20.73 18.72 2.27
C ALA A 185 21.08 20.06 2.90
N SER A 186 20.07 20.90 3.15
CA SER A 186 20.34 22.23 3.67
C SER A 186 20.78 22.19 5.13
N MET A 187 20.35 21.18 5.89
CA MET A 187 20.72 21.05 7.29
C MET A 187 21.80 20.00 7.52
N LYS A 188 22.23 19.30 6.47
CA LYS A 188 23.28 18.31 6.61
C LYS A 188 24.56 18.96 7.11
N GLY A 189 25.09 18.45 8.21
CA GLY A 189 26.32 18.95 8.78
C GLY A 189 26.11 20.14 9.70
N LEU A 190 27.24 20.68 10.16
CA LEU A 190 27.19 21.83 11.06
C LEU A 190 26.69 23.08 10.33
N GLY A 191 27.16 23.31 9.12
CA GLY A 191 26.77 24.49 8.37
C GLY A 191 25.40 24.36 7.73
N THR A 192 24.39 24.96 8.36
CA THR A 192 23.04 24.93 7.83
C THR A 192 22.89 26.00 6.76
N ASP A 193 22.53 25.59 5.54
CA ASP A 193 22.20 26.51 4.46
C ASP A 193 20.82 27.10 4.77
N GLU A 194 20.83 28.15 5.59
CA GLU A 194 19.57 28.75 6.03
C GLU A 194 18.77 29.30 4.85
N ASP A 195 19.46 29.82 3.83
CA ASP A 195 18.76 30.41 2.69
C ASP A 195 17.94 29.36 1.94
N SER A 196 18.53 28.18 1.70
CA SER A 196 17.79 27.11 1.03
C SER A 196 16.66 26.59 1.91
N LEU A 197 16.93 26.42 3.21
CA LEU A 197 15.89 26.00 4.14
C LEU A 197 14.76 27.03 4.19
N ILE A 198 15.10 28.31 4.16
CA ILE A 198 14.09 29.36 4.21
C ILE A 198 13.27 29.39 2.94
N GLU A 199 13.93 29.21 1.78
CA GLU A 199 13.22 29.30 0.51
C GLU A 199 12.12 28.26 0.42
N ILE A 200 12.38 27.03 0.88
CA ILE A 200 11.41 25.96 0.73
C ILE A 200 10.29 26.10 1.76
N ILE A 201 10.64 26.39 3.01
CA ILE A 201 9.65 26.43 4.08
C ILE A 201 8.71 27.63 3.93
N CYS A 202 9.22 28.74 3.42
CA CYS A 202 8.39 29.94 3.31
C CYS A 202 7.48 29.90 2.08
N SER A 203 7.85 29.15 1.04
CA SER A 203 7.12 29.20 -0.21
C SER A 203 6.15 28.05 -0.41
N ARG A 204 6.25 26.98 0.38
CA ARG A 204 5.40 25.82 0.18
C ARG A 204 4.07 25.99 0.91
N THR A 205 3.03 25.40 0.34
CA THR A 205 1.68 25.55 0.86
C THR A 205 1.36 24.45 1.87
N ASN A 206 0.15 24.49 2.42
CA ASN A 206 -0.27 23.49 3.40
C ASN A 206 -0.24 22.09 2.82
N GLN A 207 -0.83 21.91 1.63
CA GLN A 207 -0.89 20.58 1.03
C GLN A 207 0.51 20.08 0.67
N GLU A 208 1.38 20.99 0.21
CA GLU A 208 2.74 20.59 -0.13
C GLU A 208 3.53 20.21 1.10
N LEU A 209 3.39 20.96 2.19
CA LEU A 209 4.17 20.69 3.39
C LEU A 209 3.73 19.41 4.07
N GLN A 210 2.42 19.12 4.10
CA GLN A 210 1.96 17.87 4.69
C GLN A 210 2.49 16.67 3.93
N GLU A 211 2.67 16.80 2.61
CA GLU A 211 3.25 15.72 1.83
C GLU A 211 4.76 15.65 2.02
N ILE A 212 5.43 16.80 2.15
CA ILE A 212 6.86 16.79 2.43
C ILE A 212 7.14 16.13 3.77
N ASN A 213 6.35 16.47 4.80
CA ASN A 213 6.56 15.87 6.11
C ASN A 213 6.34 14.36 6.08
N ARG A 214 5.37 13.90 5.29
CA ARG A 214 5.12 12.46 5.20
C ARG A 214 6.25 11.74 4.49
N VAL A 215 6.78 12.35 3.43
CA VAL A 215 7.84 11.71 2.64
C VAL A 215 9.19 11.86 3.34
N TYR A 216 9.43 13.00 3.99
CA TYR A 216 10.65 13.16 4.76
C TYR A 216 10.76 12.11 5.87
N LYS A 217 9.61 11.69 6.42
CA LYS A 217 9.62 10.63 7.42
C LYS A 217 10.09 9.31 6.83
N GLU A 218 9.64 8.98 5.61
CA GLU A 218 9.99 7.71 5.00
C GLU A 218 11.44 7.69 4.55
N MET A 219 11.91 8.78 3.93
CA MET A 219 13.24 8.77 3.33
C MET A 219 14.35 8.77 4.37
N TYR A 220 14.14 9.41 5.51
CA TYR A 220 15.22 9.65 6.47
C TYR A 220 14.94 9.09 7.85
N LYS A 221 13.83 8.38 8.05
CA LYS A 221 13.53 7.69 9.30
C LYS A 221 13.52 8.64 10.50
N THR A 222 13.14 9.89 10.26
CA THR A 222 13.00 10.87 11.34
C THR A 222 12.07 11.96 10.86
N ASP A 223 11.47 12.67 11.83
CA ASP A 223 10.53 13.73 11.50
C ASP A 223 11.26 14.98 11.06
N LEU A 224 10.67 15.69 10.10
CA LEU A 224 11.27 16.95 9.63
C LEU A 224 11.28 17.99 10.74
N GLU A 225 10.20 18.06 11.53
CA GLU A 225 10.16 19.00 12.64
C GLU A 225 11.27 18.73 13.64
N LYS A 226 11.59 17.45 13.86
CA LYS A 226 12.67 17.11 14.78
C LYS A 226 14.04 17.51 14.23
N ASP A 227 14.22 17.44 12.91
CA ASP A 227 15.49 17.85 12.33
C ASP A 227 15.63 19.36 12.27
N ILE A 228 14.52 20.08 12.08
CA ILE A 228 14.58 21.54 12.12
C ILE A 228 14.99 22.02 13.50
N ILE A 229 14.48 21.37 14.55
CA ILE A 229 14.82 21.74 15.92
C ILE A 229 16.31 21.55 16.18
N SER A 230 16.91 20.53 15.57
CA SER A 230 18.30 20.20 15.84
C SER A 230 19.28 21.13 15.14
N ASP A 231 18.85 21.86 14.11
CA ASP A 231 19.73 22.71 13.33
C ASP A 231 19.37 24.19 13.36
N THR A 232 18.33 24.57 14.12
CA THR A 232 17.93 25.97 14.22
C THR A 232 17.81 26.36 15.68
N SER A 233 17.82 27.67 15.93
CA SER A 233 17.86 28.19 17.29
C SER A 233 16.99 29.44 17.41
N GLY A 234 16.64 29.76 18.65
CA GLY A 234 15.96 30.99 19.02
C GLY A 234 14.62 31.15 18.32
N ASP A 235 14.28 32.42 18.04
CA ASP A 235 13.03 32.71 17.36
C ASP A 235 13.02 32.18 15.94
N PHE A 236 14.20 32.03 15.33
CA PHE A 236 14.28 31.45 13.99
C PHE A 236 13.78 30.01 13.99
N ARG A 237 14.09 29.26 15.05
CA ARG A 237 13.59 27.90 15.17
C ARG A 237 12.08 27.87 15.31
N LYS A 238 11.53 28.74 16.17
CA LYS A 238 10.09 28.79 16.37
C LYS A 238 9.36 29.15 15.07
N LEU A 239 9.99 29.95 14.21
CA LEU A 239 9.33 30.37 12.98
C LEU A 239 9.31 29.25 11.95
N MET A 240 10.39 28.47 11.87
CA MET A 240 10.46 27.39 10.89
C MET A 240 9.59 26.20 11.29
N VAL A 241 9.54 25.89 12.59
CA VAL A 241 8.71 24.79 13.06
C VAL A 241 7.23 25.09 12.81
N ALA A 242 6.81 26.32 13.11
CA ALA A 242 5.41 26.69 12.90
C ALA A 242 5.06 26.70 11.42
N LEU A 243 5.98 27.15 10.57
CA LEU A 243 5.72 27.15 9.12
C LEU A 243 5.73 25.74 8.56
N ALA A 244 6.65 24.90 9.03
CA ALA A 244 6.77 23.54 8.49
C ALA A 244 5.58 22.66 8.85
N LYS A 245 4.79 23.04 9.85
CA LYS A 245 3.61 22.25 10.19
C LYS A 245 2.53 22.31 9.12
N GLY A 246 2.50 23.37 8.31
CA GLY A 246 1.53 23.45 7.23
C GLY A 246 0.09 23.42 7.68
N ARG A 247 -0.22 24.06 8.82
CA ARG A 247 -1.59 24.19 9.30
C ARG A 247 -2.07 25.63 9.22
N ARG A 248 -1.62 26.37 8.20
CA ARG A 248 -2.12 27.70 7.95
C ARG A 248 -3.61 27.63 7.58
N ALA A 249 -4.34 28.67 7.98
CA ALA A 249 -5.77 28.70 7.69
C ALA A 249 -6.02 28.75 6.19
N GLU A 250 -7.10 28.09 5.77
CA GLU A 250 -7.53 28.09 4.38
C GLU A 250 -8.64 29.14 4.22
N ASP A 251 -8.44 30.09 3.33
CA ASP A 251 -9.41 31.16 3.15
C ASP A 251 -10.60 30.66 2.32
N GLY A 252 -11.75 31.27 2.56
CA GLY A 252 -12.93 30.98 1.78
C GLY A 252 -13.50 32.23 1.14
N SER A 253 -14.83 32.37 1.14
CA SER A 253 -15.48 33.58 0.67
C SER A 253 -15.74 34.57 1.80
N VAL A 254 -14.89 34.58 2.82
CA VAL A 254 -15.10 35.37 4.02
C VAL A 254 -13.90 36.30 4.18
N ILE A 255 -14.07 37.56 3.82
CA ILE A 255 -13.05 38.59 4.05
C ILE A 255 -13.40 39.25 5.37
N ASP A 256 -12.68 38.88 6.43
CA ASP A 256 -12.92 39.44 7.76
C ASP A 256 -12.19 40.77 7.85
N TYR A 257 -12.87 41.84 7.44
CA TYR A 257 -12.26 43.16 7.43
C TYR A 257 -11.88 43.62 8.83
N GLU A 258 -12.67 43.25 9.84
CA GLU A 258 -12.34 43.65 11.20
C GLU A 258 -11.07 42.98 11.68
N LEU A 259 -10.85 41.71 11.30
CA LEU A 259 -9.62 41.04 11.67
C LEU A 259 -8.43 41.56 10.88
N ILE A 260 -8.64 41.96 9.62
CA ILE A 260 -7.57 42.54 8.83
C ILE A 260 -7.04 43.81 9.50
N ASP A 261 -7.95 44.63 10.03
CA ASP A 261 -7.52 45.86 10.70
C ASP A 261 -6.85 45.55 12.03
N GLN A 262 -7.42 44.62 12.81
CA GLN A 262 -6.83 44.29 14.10
C GLN A 262 -5.50 43.58 13.95
N ASP A 263 -5.33 42.75 12.92
CA ASP A 263 -4.03 42.13 12.70
C ASP A 263 -2.98 43.15 12.30
N ALA A 264 -3.38 44.17 11.54
CA ALA A 264 -2.44 45.23 11.19
C ALA A 264 -1.99 46.02 12.41
N ARG A 265 -2.95 46.41 13.26
CA ARG A 265 -2.60 47.10 14.50
C ARG A 265 -1.74 46.22 15.39
N ASP A 266 -2.09 44.94 15.52
CA ASP A 266 -1.30 44.03 16.34
C ASP A 266 0.12 43.90 15.80
N LEU A 267 0.28 43.80 14.48
CA LEU A 267 1.61 43.76 13.90
C LEU A 267 2.38 45.06 14.16
N TYR A 268 1.68 46.19 14.08
CA TYR A 268 2.34 47.47 14.34
C TYR A 268 2.64 47.66 15.83
N ASP A 269 1.69 47.28 16.70
CA ASP A 269 1.91 47.42 18.13
C ASP A 269 2.98 46.48 18.66
N ALA A 270 3.24 45.37 17.97
CA ALA A 270 4.23 44.40 18.42
C ALA A 270 5.63 44.67 17.91
N GLY A 271 5.80 45.60 16.98
CA GLY A 271 7.10 45.85 16.39
C GLY A 271 7.56 47.28 16.43
N VAL A 272 7.21 48.05 15.40
CA VAL A 272 7.77 49.39 15.22
C VAL A 272 7.31 50.32 16.34
N LYS A 273 6.15 50.05 16.95
CA LYS A 273 5.61 50.98 17.94
C LYS A 273 6.34 50.85 19.28
N ARG A 274 6.71 49.63 19.68
CA ARG A 274 7.31 49.39 20.97
C ARG A 274 8.81 49.17 20.85
N LYS A 275 9.50 49.30 21.99
CA LYS A 275 10.90 48.92 22.06
C LYS A 275 11.03 47.41 21.98
N GLY A 276 12.01 46.94 21.21
CA GLY A 276 12.09 45.52 21.01
C GLY A 276 10.99 45.03 20.09
N THR A 277 10.77 43.72 20.11
CA THR A 277 9.79 43.11 19.20
C THR A 277 9.09 41.96 19.90
N ASP A 278 7.75 41.95 19.85
CA ASP A 278 6.97 40.80 20.29
C ASP A 278 6.82 39.84 19.11
N VAL A 279 7.92 39.14 18.83
CA VAL A 279 8.01 38.25 17.67
C VAL A 279 7.06 37.06 17.79
N PRO A 280 6.73 36.54 18.99
CA PRO A 280 5.68 35.51 19.04
C PRO A 280 4.35 35.95 18.43
N LYS A 281 3.99 37.23 18.58
CA LYS A 281 2.78 37.72 17.93
C LYS A 281 2.99 37.88 16.43
N TRP A 282 4.20 38.20 15.99
CA TRP A 282 4.51 38.22 14.56
C TRP A 282 4.45 36.81 13.98
N ILE A 283 5.06 35.84 14.68
CA ILE A 283 5.03 34.45 14.21
C ILE A 283 3.60 33.93 14.20
N SER A 284 2.81 34.29 15.22
CA SER A 284 1.45 33.79 15.30
C SER A 284 0.60 34.27 14.13
N ILE A 285 0.69 35.57 13.83
CA ILE A 285 -0.18 36.15 12.80
C ILE A 285 0.28 35.71 11.40
N MET A 286 1.58 35.84 11.11
CA MET A 286 2.04 35.62 9.76
C MET A 286 2.03 34.15 9.35
N THR A 287 1.90 33.23 10.30
CA THR A 287 1.89 31.81 9.98
C THR A 287 0.51 31.16 10.10
N GLU A 288 -0.40 31.74 10.88
CA GLU A 288 -1.71 31.14 11.07
C GLU A 288 -2.76 31.69 10.11
N ARG A 289 -2.73 33.00 9.84
CA ARG A 289 -3.71 33.60 8.93
C ARG A 289 -3.49 33.12 7.50
N SER A 290 -4.57 33.08 6.74
CA SER A 290 -4.48 32.68 5.35
C SER A 290 -3.74 33.74 4.53
N VAL A 291 -3.27 33.32 3.36
CA VAL A 291 -2.49 34.19 2.48
C VAL A 291 -3.33 35.36 1.96
N PRO A 292 -4.55 35.15 1.44
CA PRO A 292 -5.34 36.32 1.04
C PRO A 292 -5.62 37.28 2.18
N HIS A 293 -5.81 36.76 3.39
CA HIS A 293 -6.03 37.61 4.55
C HIS A 293 -4.80 38.46 4.84
N LEU A 294 -3.63 37.83 4.87
CA LEU A 294 -2.40 38.56 5.20
C LEU A 294 -2.02 39.56 4.12
N GLN A 295 -2.39 39.30 2.86
CA GLN A 295 -2.13 40.28 1.81
C GLN A 295 -2.84 41.59 2.11
N LYS A 296 -4.10 41.52 2.51
CA LYS A 296 -4.84 42.72 2.87
C LYS A 296 -4.37 43.29 4.19
N VAL A 297 -3.83 42.45 5.08
CA VAL A 297 -3.28 42.92 6.34
C VAL A 297 -2.06 43.80 6.08
N PHE A 298 -1.17 43.36 5.17
CA PHE A 298 0.05 44.12 4.90
C PHE A 298 -0.25 45.46 4.25
N ASP A 299 -1.31 45.54 3.43
CA ASP A 299 -1.72 46.84 2.91
C ASP A 299 -2.34 47.71 4.00
N ARG A 300 -3.20 47.09 4.84
CA ARG A 300 -3.75 47.82 5.97
C ARG A 300 -2.67 48.25 6.95
N TYR A 301 -1.58 47.47 7.03
CA TYR A 301 -0.44 47.85 7.86
C TYR A 301 0.20 49.15 7.37
N LYS A 302 0.17 49.39 6.06
CA LYS A 302 0.72 50.63 5.51
C LYS A 302 -0.06 51.86 5.98
N SER A 303 -1.31 51.68 6.40
CA SER A 303 -2.10 52.81 6.87
C SER A 303 -1.74 53.24 8.28
N TYR A 304 -1.25 52.31 9.10
CA TYR A 304 -0.84 52.59 10.47
C TYR A 304 0.65 52.89 10.61
N SER A 305 1.49 52.26 9.81
CA SER A 305 2.93 52.34 9.95
C SER A 305 3.55 53.20 8.84
N PRO A 306 4.58 53.98 9.16
CA PRO A 306 5.26 54.73 8.10
C PRO A 306 6.10 53.86 7.17
N TYR A 307 6.42 52.64 7.58
CA TYR A 307 7.14 51.69 6.74
C TYR A 307 6.26 50.48 6.48
N ASP A 308 6.41 49.88 5.30
CA ASP A 308 5.67 48.67 4.99
C ASP A 308 6.18 47.50 5.84
N MET A 309 5.57 46.33 5.65
CA MET A 309 5.92 45.18 6.46
C MET A 309 7.36 44.74 6.22
N LEU A 310 7.86 44.88 4.99
CA LEU A 310 9.23 44.46 4.69
C LEU A 310 10.25 45.36 5.37
N GLU A 311 10.07 46.68 5.26
CA GLU A 311 11.01 47.60 5.89
C GLU A 311 10.93 47.50 7.42
N SER A 312 9.73 47.27 7.96
CA SER A 312 9.61 47.08 9.41
C SER A 312 10.40 45.87 9.87
N ILE A 313 10.46 44.82 9.04
CA ILE A 313 11.26 43.65 9.39
C ILE A 313 12.73 44.00 9.43
N ARG A 314 13.22 44.77 8.45
CA ARG A 314 14.62 45.16 8.44
C ARG A 314 14.97 46.02 9.65
N LYS A 315 14.00 46.75 10.19
CA LYS A 315 14.24 47.63 11.32
C LYS A 315 14.12 46.92 12.66
N GLU A 316 13.30 45.87 12.74
CA GLU A 316 13.04 45.19 14.01
C GLU A 316 14.02 44.08 14.30
N VAL A 317 14.27 43.19 13.34
CA VAL A 317 15.05 41.98 13.59
C VAL A 317 16.24 41.93 12.64
N LYS A 318 17.19 41.06 12.98
CA LYS A 318 18.41 40.87 12.21
C LYS A 318 18.67 39.38 12.06
N GLY A 319 19.73 39.04 11.31
CA GLY A 319 20.16 37.66 11.19
C GLY A 319 19.19 36.79 10.42
N ASP A 320 19.18 35.50 10.77
CA ASP A 320 18.34 34.54 10.08
C ASP A 320 16.86 34.81 10.30
N LEU A 321 16.49 35.34 11.47
CA LEU A 321 15.10 35.68 11.73
C LEU A 321 14.62 36.77 10.78
N GLU A 322 15.48 37.77 10.52
CA GLU A 322 15.14 38.79 9.54
C GLU A 322 15.01 38.18 8.15
N ASN A 323 15.97 37.33 7.77
CA ASN A 323 15.95 36.73 6.44
C ASN A 323 14.69 35.90 6.23
N ALA A 324 14.27 35.15 7.26
CA ALA A 324 13.07 34.33 7.12
C ALA A 324 11.83 35.19 6.98
N PHE A 325 11.71 36.24 7.78
CA PHE A 325 10.55 37.13 7.68
C PHE A 325 10.51 37.85 6.34
N LEU A 326 11.67 38.25 5.82
CA LEU A 326 11.71 38.92 4.53
C LEU A 326 11.26 37.99 3.41
N ASN A 327 11.60 36.70 3.50
CA ASN A 327 11.20 35.74 2.49
C ASN A 327 9.72 35.37 2.61
N LEU A 328 9.22 35.25 3.84
CA LEU A 328 7.82 34.88 4.05
C LEU A 328 6.89 35.95 3.50
N VAL A 329 7.17 37.21 3.79
CA VAL A 329 6.31 38.30 3.34
C VAL A 329 6.30 38.39 1.82
N GLN A 330 7.45 38.18 1.19
CA GLN A 330 7.51 38.18 -0.27
C GLN A 330 6.65 37.06 -0.84
N CYS A 331 6.67 35.88 -0.22
CA CYS A 331 5.86 34.76 -0.69
C CYS A 331 4.37 35.04 -0.49
N ILE A 332 4.01 35.67 0.62
CA ILE A 332 2.61 35.99 0.88
C ILE A 332 2.14 37.06 -0.10
N GLN A 333 2.95 38.10 -0.32
CA GLN A 333 2.53 39.21 -1.16
C GLN A 333 2.49 38.82 -2.63
N ASN A 334 3.58 38.25 -3.14
CA ASN A 334 3.65 37.86 -4.55
C ASN A 334 4.71 36.77 -4.69
N LYS A 335 4.26 35.52 -4.71
CA LYS A 335 5.19 34.39 -4.78
C LYS A 335 5.87 34.28 -6.15
N PRO A 336 5.16 34.46 -7.27
CA PRO A 336 5.86 34.45 -8.57
C PRO A 336 6.95 35.52 -8.67
N LEU A 337 6.68 36.74 -8.20
CA LEU A 337 7.72 37.77 -8.17
C LEU A 337 8.85 37.40 -7.22
N TYR A 338 8.52 36.71 -6.12
CA TYR A 338 9.56 36.27 -5.19
C TYR A 338 10.56 35.34 -5.88
N PHE A 339 10.05 34.39 -6.67
CA PHE A 339 10.94 33.49 -7.38
C PHE A 339 11.64 34.20 -8.55
N ALA A 340 10.96 35.17 -9.18
CA ALA A 340 11.60 35.94 -10.22
C ALA A 340 12.80 36.71 -9.69
N ASP A 341 12.67 37.27 -8.48
CA ASP A 341 13.78 38.00 -7.89
C ASP A 341 14.92 37.07 -7.50
N ARG A 342 14.61 35.89 -6.97
CA ARG A 342 15.65 34.96 -6.57
C ARG A 342 16.37 34.37 -7.79
N LEU A 343 15.65 34.19 -8.91
CA LEU A 343 16.30 33.78 -10.14
C LEU A 343 17.25 34.86 -10.64
N TYR A 344 16.81 36.12 -10.60
CA TYR A 344 17.67 37.22 -11.04
C TYR A 344 18.92 37.32 -10.18
N ASP A 345 18.78 37.13 -8.87
CA ASP A 345 19.95 37.17 -7.99
C ASP A 345 20.93 36.06 -8.32
N SER A 346 20.41 34.89 -8.72
CA SER A 346 21.26 33.75 -9.01
C SER A 346 22.09 33.93 -10.27
N MET A 347 21.78 34.92 -11.11
CA MET A 347 22.45 35.10 -12.38
C MET A 347 22.97 36.51 -12.63
N LYS A 348 22.60 37.50 -11.81
CA LYS A 348 22.90 38.89 -12.14
C LYS A 348 24.40 39.15 -12.15
N GLY A 349 25.15 38.52 -11.24
CA GLY A 349 26.55 38.84 -11.04
C GLY A 349 27.48 37.80 -11.61
N LYS A 350 28.74 37.87 -11.17
CA LYS A 350 29.78 36.96 -11.65
C LYS A 350 29.38 35.51 -11.38
N GLY A 351 29.59 34.66 -12.38
CA GLY A 351 29.23 33.26 -12.24
C GLY A 351 27.73 33.07 -12.10
N THR A 352 27.36 31.96 -11.47
CA THR A 352 25.96 31.60 -11.28
C THR A 352 25.80 30.85 -9.97
N ARG A 353 24.75 31.20 -9.21
CA ARG A 353 24.35 30.41 -8.06
C ARG A 353 23.50 29.25 -8.58
N ASP A 354 24.18 28.18 -8.99
CA ASP A 354 23.50 27.10 -9.70
C ASP A 354 22.52 26.34 -8.81
N LYS A 355 22.80 26.24 -7.50
CA LYS A 355 21.90 25.51 -6.62
C LYS A 355 20.53 26.17 -6.57
N VAL A 356 20.48 27.49 -6.45
CA VAL A 356 19.20 28.19 -6.40
C VAL A 356 18.51 28.16 -7.75
N LEU A 357 19.26 28.44 -8.82
CA LEU A 357 18.68 28.47 -10.16
C LEU A 357 18.09 27.11 -10.53
N ILE A 358 18.84 26.03 -10.29
CA ILE A 358 18.35 24.70 -10.64
C ILE A 358 17.13 24.34 -9.80
N ARG A 359 17.19 24.59 -8.49
CA ARG A 359 16.09 24.22 -7.62
C ARG A 359 14.80 24.95 -7.99
N ILE A 360 14.89 26.23 -8.32
CA ILE A 360 13.70 26.99 -8.67
C ILE A 360 13.12 26.50 -9.99
N MET A 361 13.97 26.30 -10.99
CA MET A 361 13.49 25.85 -12.29
C MET A 361 12.87 24.46 -12.21
N VAL A 362 13.43 23.60 -11.36
CA VAL A 362 12.88 22.25 -11.22
C VAL A 362 11.57 22.27 -10.45
N SER A 363 11.54 22.99 -9.32
CA SER A 363 10.40 22.93 -8.42
C SER A 363 9.21 23.75 -8.92
N ARG A 364 9.45 24.81 -9.68
CA ARG A 364 8.38 25.71 -10.11
C ARG A 364 7.99 25.53 -11.57
N SER A 365 8.60 24.58 -12.29
CA SER A 365 8.32 24.42 -13.71
C SER A 365 6.85 24.09 -13.95
N GLU A 366 6.26 23.26 -13.10
CA GLU A 366 4.88 22.85 -13.23
C GLU A 366 3.92 23.63 -12.34
N VAL A 367 4.42 24.53 -11.50
CA VAL A 367 3.57 25.25 -10.56
C VAL A 367 3.10 26.56 -11.17
N ASP A 368 3.97 27.56 -11.21
CA ASP A 368 3.59 28.89 -11.66
C ASP A 368 4.70 29.50 -12.51
N MET A 369 5.30 28.68 -13.39
CA MET A 369 6.41 29.16 -14.20
C MET A 369 5.99 30.28 -15.14
N LEU A 370 4.74 30.26 -15.61
CA LEU A 370 4.27 31.33 -16.49
C LEU A 370 4.18 32.66 -15.75
N LYS A 371 3.69 32.64 -14.50
CA LYS A 371 3.59 33.88 -13.73
C LYS A 371 4.97 34.38 -13.31
N ILE A 372 5.92 33.47 -13.08
CA ILE A 372 7.29 33.89 -12.78
C ILE A 372 7.89 34.62 -13.97
N ARG A 373 7.71 34.07 -15.17
CA ARG A 373 8.22 34.70 -16.37
C ARG A 373 7.56 36.06 -16.62
N SER A 374 6.28 36.19 -16.27
CA SER A 374 5.58 37.45 -16.47
C SER A 374 6.11 38.52 -15.52
N GLU A 375 6.32 38.17 -14.25
CA GLU A 375 6.89 39.12 -13.31
C GLU A 375 8.34 39.44 -13.67
N PHE A 376 9.11 38.45 -14.11
CA PHE A 376 10.50 38.66 -14.46
C PHE A 376 10.63 39.64 -15.63
N LYS A 377 9.88 39.39 -16.71
CA LYS A 377 9.96 40.24 -17.89
C LYS A 377 9.52 41.66 -17.60
N ARG A 378 8.47 41.82 -16.78
CA ARG A 378 7.99 43.17 -16.47
C ARG A 378 9.02 43.96 -15.68
N LYS A 379 9.74 43.30 -14.77
CA LYS A 379 10.62 44.05 -13.88
C LYS A 379 11.99 44.26 -14.50
N TYR A 380 12.52 43.24 -15.18
CA TYR A 380 13.91 43.27 -15.63
C TYR A 380 14.07 43.53 -17.12
N GLY A 381 12.99 43.78 -17.84
CA GLY A 381 13.12 44.23 -19.21
C GLY A 381 13.33 43.10 -20.19
N LYS A 382 14.17 42.14 -19.83
CA LYS A 382 14.45 40.97 -20.65
C LYS A 382 13.76 39.75 -20.04
N SER A 383 13.73 38.67 -20.81
CA SER A 383 13.02 37.48 -20.37
C SER A 383 13.92 36.61 -19.48
N LEU A 384 13.27 35.77 -18.68
CA LEU A 384 14.00 34.76 -17.92
C LEU A 384 14.76 33.82 -18.85
N TYR A 385 14.14 33.46 -19.97
CA TYR A 385 14.82 32.69 -21.00
C TYR A 385 16.13 33.36 -21.41
N TYR A 386 16.13 34.69 -21.56
CA TYR A 386 17.31 35.41 -21.99
C TYR A 386 18.43 35.33 -20.96
N TYR A 387 18.09 35.51 -19.68
CA TYR A 387 19.12 35.48 -18.63
C TYR A 387 19.71 34.08 -18.47
N ILE A 388 18.87 33.05 -18.60
CA ILE A 388 19.37 31.68 -18.57
C ILE A 388 20.31 31.44 -19.75
N GLN A 389 19.99 32.03 -20.90
CA GLN A 389 20.80 31.85 -22.10
C GLN A 389 22.19 32.44 -21.91
N GLN A 390 22.30 33.56 -21.19
CA GLN A 390 23.57 34.27 -21.04
C GLN A 390 24.38 33.79 -19.85
N ASP A 391 23.82 32.96 -18.98
CA ASP A 391 24.53 32.52 -17.77
C ASP A 391 24.92 31.05 -17.80
N THR A 392 24.31 30.24 -18.65
CA THR A 392 24.59 28.81 -18.73
C THR A 392 24.81 28.41 -20.18
N LYS A 393 25.52 27.30 -20.37
CA LYS A 393 25.83 26.80 -21.70
C LYS A 393 25.63 25.29 -21.75
N GLY A 394 25.69 24.74 -22.95
CA GLY A 394 25.61 23.31 -23.13
C GLY A 394 24.20 22.77 -22.99
N ASP A 395 24.12 21.45 -22.82
CA ASP A 395 22.83 20.80 -22.59
C ASP A 395 22.22 21.23 -21.26
N TYR A 396 23.06 21.62 -20.30
CA TYR A 396 22.57 22.17 -19.05
C TYR A 396 21.73 23.42 -19.28
N GLN A 397 22.16 24.28 -20.22
CA GLN A 397 21.37 25.44 -20.59
C GLN A 397 20.06 25.04 -21.25
N LYS A 398 20.13 24.11 -22.21
CA LYS A 398 18.92 23.67 -22.92
C LYS A 398 17.90 23.08 -21.96
N ALA A 399 18.36 22.31 -20.97
CA ALA A 399 17.43 21.74 -19.99
C ALA A 399 16.72 22.83 -19.21
N LEU A 400 17.46 23.87 -18.79
CA LEU A 400 16.84 24.98 -18.07
C LEU A 400 15.90 25.77 -18.97
N LEU A 401 16.27 25.94 -20.25
CA LEU A 401 15.40 26.65 -21.18
C LEU A 401 14.09 25.89 -21.40
N TYR A 402 14.17 24.56 -21.48
CA TYR A 402 12.97 23.76 -21.62
C TYR A 402 12.08 23.88 -20.38
N LEU A 403 12.69 23.83 -19.18
CA LEU A 403 11.93 24.05 -17.97
C LEU A 403 11.34 25.45 -17.93
N CYS A 404 12.00 26.42 -18.55
CA CYS A 404 11.44 27.76 -18.66
C CYS A 404 10.17 27.76 -19.51
N GLY A 405 10.14 26.93 -20.55
CA GLY A 405 8.96 26.77 -21.37
C GLY A 405 8.84 27.71 -22.56
N GLY A 406 9.85 28.53 -22.82
CA GLY A 406 9.78 29.44 -23.95
C GLY A 406 10.31 30.83 -23.62
N ASP A 407 10.50 31.65 -24.66
CA ASP A 407 11.00 32.99 -24.47
C ASP A 407 9.87 33.93 -24.09
N ASP A 408 10.23 35.00 -23.37
CA ASP A 408 9.27 35.97 -22.83
C ASP A 408 8.23 35.30 -21.95
N PRO B 7 2.11 28.93 -31.25
CA PRO B 7 3.46 28.39 -31.47
C PRO B 7 3.65 27.87 -32.89
N THR B 9 5.64 28.37 -36.93
CA THR B 9 6.74 28.91 -37.72
C THR B 9 6.48 28.67 -39.20
N THR B 10 6.50 29.75 -39.99
CA THR B 10 6.28 29.65 -41.42
C THR B 10 7.59 29.39 -42.14
N LEU B 11 7.52 28.57 -43.19
CA LEU B 11 8.71 28.22 -43.97
C LEU B 11 8.46 28.39 -45.46
N ASN C 6 23.48 -27.18 -38.98
CA ASN C 6 24.78 -27.70 -39.37
C ASN C 6 25.74 -27.76 -38.18
N ARG C 7 26.53 -28.83 -38.13
CA ARG C 7 27.39 -29.11 -36.98
C ARG C 7 28.78 -28.53 -37.26
N ARG C 8 29.08 -27.40 -36.62
CA ARG C 8 30.31 -26.66 -36.87
C ARG C 8 31.22 -26.67 -35.66
N THR C 9 32.52 -26.54 -35.91
CA THR C 9 33.55 -26.49 -34.88
C THR C 9 34.23 -25.12 -34.95
N VAL C 10 34.12 -24.35 -33.86
CA VAL C 10 34.67 -23.01 -33.79
C VAL C 10 35.61 -22.90 -32.60
N THR C 11 36.59 -22.01 -32.70
CA THR C 11 37.54 -21.73 -31.64
C THR C 11 37.51 -20.25 -31.31
N LEU C 12 37.48 -19.92 -30.03
CA LEU C 12 37.34 -18.55 -29.56
C LEU C 12 38.54 -18.14 -28.71
N ARG C 13 38.93 -16.87 -28.83
CA ARG C 13 39.96 -16.27 -28.00
C ARG C 13 39.28 -15.32 -27.02
N ARG C 14 39.55 -15.52 -25.73
CA ARG C 14 38.90 -14.72 -24.69
C ARG C 14 39.40 -13.29 -24.77
N GLN C 15 38.53 -12.38 -25.23
CA GLN C 15 38.89 -10.99 -25.39
C GLN C 15 38.87 -10.27 -24.04
N PRO C 16 39.64 -9.18 -23.90
CA PRO C 16 39.60 -8.44 -22.62
C PRO C 16 38.21 -7.96 -22.23
N VAL C 17 37.53 -7.25 -23.12
CA VAL C 17 36.16 -6.82 -22.90
C VAL C 17 35.23 -7.73 -23.69
N GLY C 18 34.28 -8.36 -23.00
CA GLY C 18 33.35 -9.29 -23.60
C GLY C 18 33.66 -10.75 -23.34
N GLY C 19 34.92 -11.08 -23.07
CA GLY C 19 35.30 -12.45 -22.81
C GLY C 19 35.17 -13.35 -24.02
N LEU C 20 34.27 -14.32 -23.94
CA LEU C 20 34.01 -15.22 -25.07
C LEU C 20 32.99 -14.64 -26.05
N GLY C 21 32.26 -13.60 -25.66
CA GLY C 21 31.35 -12.94 -26.59
C GLY C 21 30.03 -13.64 -26.80
N LEU C 22 29.56 -14.41 -25.84
CA LEU C 22 28.31 -15.14 -26.01
C LEU C 22 27.68 -15.43 -24.66
N SER C 23 26.36 -15.64 -24.68
CA SER C 23 25.62 -16.07 -23.50
C SER C 23 24.85 -17.34 -23.86
N ILE C 24 24.71 -18.22 -22.86
CA ILE C 24 24.03 -19.49 -23.07
C ILE C 24 22.78 -19.52 -22.20
N LYS C 25 21.88 -20.45 -22.53
CA LYS C 25 20.60 -20.56 -21.84
C LYS C 25 20.08 -21.98 -22.03
N GLY C 26 19.67 -22.61 -20.94
CA GLY C 26 19.15 -23.97 -20.96
C GLY C 26 20.15 -24.98 -20.43
N GLY C 27 19.65 -26.19 -20.24
CA GLY C 27 20.46 -27.28 -19.72
C GLY C 27 19.65 -28.37 -19.05
N PRO C 33 19.59 -28.67 -25.06
CA PRO C 33 18.99 -27.68 -24.15
C PRO C 33 19.90 -26.46 -23.95
N VAL C 34 21.21 -26.69 -23.80
CA VAL C 34 22.17 -25.61 -23.65
C VAL C 34 22.34 -24.92 -25.00
N VAL C 35 21.64 -23.81 -25.18
CA VAL C 35 21.59 -23.10 -26.46
C VAL C 35 22.15 -21.70 -26.28
N ILE C 36 22.85 -21.22 -27.32
CA ILE C 36 23.35 -19.86 -27.33
C ILE C 36 22.17 -18.90 -27.43
N SER C 37 22.06 -17.99 -26.46
CA SER C 37 20.93 -17.07 -26.40
C SER C 37 21.24 -15.68 -26.93
N LYS C 38 22.51 -15.27 -26.93
CA LYS C 38 22.88 -13.96 -27.44
C LYS C 38 24.38 -13.93 -27.69
N ILE C 39 24.78 -13.18 -28.71
CA ILE C 39 26.19 -12.91 -29.02
C ILE C 39 26.34 -11.40 -29.13
N PHE C 40 27.19 -10.82 -28.29
CA PHE C 40 27.38 -9.38 -28.29
C PHE C 40 28.17 -8.95 -29.52
N GLU C 41 28.02 -7.68 -29.88
CA GLU C 41 28.58 -7.17 -31.12
C GLU C 41 30.09 -6.96 -31.00
N ASP C 42 30.81 -7.29 -32.08
CA ASP C 42 32.25 -7.05 -32.19
C ASP C 42 33.03 -7.73 -31.05
N GLN C 43 32.61 -8.92 -30.68
CA GLN C 43 33.27 -9.69 -29.63
C GLN C 43 33.76 -11.02 -30.21
N ALA C 44 34.29 -11.87 -29.33
CA ALA C 44 34.96 -13.10 -29.77
C ALA C 44 34.04 -13.98 -30.60
N ALA C 45 32.84 -14.27 -30.10
CA ALA C 45 31.91 -15.10 -30.87
C ALA C 45 31.44 -14.37 -32.11
N ASP C 46 31.41 -13.04 -32.09
CA ASP C 46 31.01 -12.27 -33.26
C ASP C 46 32.15 -12.11 -34.26
N GLN C 47 33.40 -12.31 -33.84
CA GLN C 47 34.54 -12.17 -34.74
C GLN C 47 34.76 -13.41 -35.59
N THR C 48 34.46 -14.60 -35.06
CA THR C 48 34.67 -15.82 -35.83
C THR C 48 33.68 -15.97 -36.98
N GLY C 49 32.56 -15.27 -36.94
CA GLY C 49 31.58 -15.36 -38.01
C GLY C 49 30.96 -16.72 -38.19
N MET C 50 30.97 -17.56 -37.14
CA MET C 50 30.42 -18.90 -37.25
C MET C 50 29.55 -19.27 -36.05
N LEU C 51 29.26 -18.33 -35.15
CA LEU C 51 28.39 -18.57 -34.01
C LEU C 51 27.18 -17.65 -34.11
N PHE C 52 25.99 -18.25 -34.08
CA PHE C 52 24.74 -17.51 -34.14
C PHE C 52 23.88 -17.88 -32.94
N VAL C 53 22.80 -17.12 -32.74
CA VAL C 53 21.84 -17.43 -31.70
C VAL C 53 20.97 -18.60 -32.16
N GLY C 54 20.82 -19.60 -31.29
CA GLY C 54 20.08 -20.81 -31.62
C GLY C 54 20.95 -22.05 -31.75
N ASP C 55 22.28 -21.90 -31.75
CA ASP C 55 23.16 -23.03 -31.87
C ASP C 55 23.18 -23.83 -30.56
N ALA C 56 23.10 -25.15 -30.68
CA ALA C 56 23.13 -26.05 -29.53
C ALA C 56 24.57 -26.41 -29.22
N VAL C 57 25.02 -26.06 -28.01
CA VAL C 57 26.38 -26.34 -27.58
C VAL C 57 26.54 -27.84 -27.42
N LEU C 58 27.36 -28.45 -28.28
CA LEU C 58 27.60 -29.90 -28.23
C LEU C 58 28.87 -30.27 -27.47
N GLN C 59 29.95 -29.50 -27.65
CA GLN C 59 31.21 -29.81 -26.98
C GLN C 59 31.93 -28.51 -26.62
N VAL C 60 32.76 -28.61 -25.59
CA VAL C 60 33.63 -27.51 -25.16
C VAL C 60 35.01 -28.10 -24.90
N ASN C 61 35.97 -27.76 -25.77
CA ASN C 61 37.33 -28.31 -25.70
C ASN C 61 37.33 -29.83 -25.77
N GLY C 62 36.48 -30.39 -26.63
CA GLY C 62 36.41 -31.82 -26.84
C GLY C 62 35.64 -32.58 -25.78
N ILE C 63 34.89 -31.90 -24.92
CA ILE C 63 34.13 -32.54 -23.85
C ILE C 63 32.65 -32.51 -24.23
N HIS C 64 32.06 -33.69 -24.34
CA HIS C 64 30.66 -33.81 -24.73
C HIS C 64 29.77 -33.21 -23.64
N VAL C 65 28.95 -32.24 -24.02
CA VAL C 65 28.05 -31.56 -23.09
C VAL C 65 26.65 -31.52 -23.66
N GLU C 66 26.31 -32.51 -24.49
CA GLU C 66 24.96 -32.57 -25.05
C GLU C 66 23.92 -32.79 -23.96
N ASN C 67 24.23 -33.61 -22.97
CA ASN C 67 23.31 -33.88 -21.88
C ASN C 67 23.82 -33.28 -20.57
N ALA C 68 24.27 -32.02 -20.63
CA ALA C 68 24.80 -31.33 -19.47
C ALA C 68 23.86 -30.21 -19.05
N THR C 69 24.01 -29.77 -17.81
CA THR C 69 23.21 -28.69 -17.26
C THR C 69 23.79 -27.34 -17.69
N HIS C 70 23.12 -26.26 -17.26
CA HIS C 70 23.61 -24.92 -17.57
C HIS C 70 24.86 -24.60 -16.75
N GLU C 71 24.90 -25.04 -15.49
CA GLU C 71 26.03 -24.72 -14.63
C GLU C 71 27.28 -25.50 -15.02
N GLU C 72 27.12 -26.69 -15.60
CA GLU C 72 28.27 -27.44 -16.09
C GLU C 72 28.92 -26.74 -17.27
N VAL C 73 28.13 -26.44 -18.31
CA VAL C 73 28.68 -25.77 -19.49
C VAL C 73 29.23 -24.40 -19.14
N VAL C 74 28.71 -23.77 -18.07
CA VAL C 74 29.24 -22.48 -17.64
C VAL C 74 30.64 -22.64 -17.06
N HIS C 75 30.82 -23.60 -16.15
CA HIS C 75 32.14 -23.85 -15.58
C HIS C 75 33.15 -24.35 -16.61
N LEU C 76 32.68 -24.96 -17.70
CA LEU C 76 33.60 -25.47 -18.71
C LEU C 76 34.07 -24.38 -19.67
N LEU C 77 33.24 -23.36 -19.90
CA LEU C 77 33.64 -22.25 -20.77
C LEU C 77 34.52 -21.25 -20.05
N ARG C 78 34.39 -21.13 -18.73
CA ARG C 78 35.20 -20.18 -17.97
C ARG C 78 36.57 -20.75 -17.63
N ASN C 79 36.67 -22.07 -17.43
CA ASN C 79 37.92 -22.72 -17.09
C ASN C 79 38.59 -23.37 -18.31
N ALA C 80 38.10 -23.09 -19.51
CA ALA C 80 38.68 -23.67 -20.72
C ALA C 80 39.97 -22.98 -21.17
N GLY C 81 40.34 -21.89 -20.53
CA GLY C 81 41.55 -21.17 -20.89
C GLY C 81 41.28 -20.01 -21.83
N ASP C 82 42.36 -19.49 -22.39
CA ASP C 82 42.28 -18.36 -23.30
C ASP C 82 41.82 -18.77 -24.70
N GLU C 83 41.78 -20.07 -25.01
CA GLU C 83 41.33 -20.56 -26.31
C GLU C 83 40.29 -21.65 -26.07
N VAL C 84 39.02 -21.30 -26.25
CA VAL C 84 37.90 -22.21 -26.02
C VAL C 84 37.41 -22.70 -27.38
N THR C 85 37.43 -24.01 -27.59
CA THR C 85 36.96 -24.63 -28.83
C THR C 85 35.55 -25.14 -28.57
N ILE C 86 34.58 -24.57 -29.28
CA ILE C 86 33.16 -24.90 -29.10
C ILE C 86 32.65 -25.54 -30.38
N THR C 87 31.96 -26.66 -30.24
CA THR C 87 31.30 -27.35 -31.35
C THR C 87 29.79 -27.17 -31.17
N VAL C 88 29.15 -26.55 -32.16
CA VAL C 88 27.75 -26.20 -32.07
C VAL C 88 26.99 -26.85 -33.23
N GLU C 89 25.67 -26.76 -33.16
CA GLU C 89 24.80 -27.27 -34.22
C GLU C 89 23.52 -26.45 -34.24
N TYR C 90 23.20 -25.90 -35.42
CA TYR C 90 22.00 -25.02 -35.56
C TYR C 90 20.74 -25.83 -35.32
N LEU C 91 19.87 -25.32 -34.46
CA LEU C 91 18.57 -25.99 -34.24
C LEU C 91 17.67 -25.69 -35.43
N ARG C 92 16.78 -26.62 -35.76
CA ARG C 92 15.82 -26.41 -36.87
C ARG C 92 14.75 -25.42 -36.40
N GLU C 93 14.70 -25.14 -35.10
CA GLU C 93 13.68 -24.22 -34.52
C GLU C 93 14.21 -22.80 -34.62
N ALA C 94 15.53 -22.64 -34.68
CA ALA C 94 16.13 -21.29 -34.73
C ALA C 94 15.52 -20.38 -35.82
N PRO C 95 15.28 -20.80 -37.09
CA PRO C 95 14.65 -19.89 -38.06
C PRO C 95 13.15 -19.64 -37.88
N GLY C 96 12.61 -19.95 -36.70
CA GLY C 96 11.15 -19.80 -36.49
C GLY C 96 10.74 -18.36 -36.28
N SER C 97 9.44 -18.06 -36.43
CA SER C 97 8.91 -16.69 -36.19
C SER C 97 8.84 -16.43 -34.69
N ALA C 98 9.27 -17.39 -33.87
CA ALA C 98 9.32 -17.22 -32.41
C ALA C 98 10.79 -17.20 -32.01
N TYR C 99 11.70 -17.02 -32.97
CA TYR C 99 13.15 -17.12 -32.65
C TYR C 99 13.94 -16.04 -33.38
N THR C 100 14.82 -16.44 -34.31
CA THR C 100 15.69 -15.46 -35.01
C THR C 100 14.90 -14.73 -36.10
N ASN C 101 13.75 -15.28 -36.48
CA ASN C 101 12.93 -14.64 -37.53
C ASN C 101 11.73 -13.98 -36.86
N PHE C 102 11.88 -13.66 -35.57
CA PHE C 102 10.81 -12.93 -34.87
C PHE C 102 10.69 -11.51 -35.41
N ASP C 103 9.46 -11.10 -35.72
CA ASP C 103 9.17 -9.74 -36.15
C ASP C 103 7.93 -9.26 -35.41
N ALA C 104 8.12 -8.35 -34.45
CA ALA C 104 6.99 -7.83 -33.70
C ALA C 104 6.03 -7.05 -34.59
N GLU C 105 6.56 -6.37 -35.60
CA GLU C 105 5.70 -5.62 -36.52
C GLU C 105 4.81 -6.56 -37.32
N ARG C 106 5.36 -7.68 -37.79
CA ARG C 106 4.56 -8.63 -38.56
C ARG C 106 3.50 -9.28 -37.68
N ASP C 107 3.86 -9.69 -36.47
CA ASP C 107 2.90 -10.33 -35.58
C ASP C 107 1.79 -9.38 -35.18
N ALA C 108 2.12 -8.11 -34.94
CA ALA C 108 1.10 -7.12 -34.61
C ALA C 108 0.14 -6.91 -35.77
N LEU C 109 0.65 -6.96 -37.00
CA LEU C 109 -0.21 -6.79 -38.17
C LEU C 109 -1.15 -7.97 -38.34
N ASN C 110 -0.65 -9.19 -38.19
CA ASN C 110 -1.50 -10.38 -38.32
C ASN C 110 -2.57 -10.41 -37.24
N ILE C 111 -2.23 -9.94 -36.03
CA ILE C 111 -3.21 -9.89 -34.95
C ILE C 111 -4.29 -8.87 -35.26
N GLU C 112 -3.92 -7.71 -35.79
CA GLU C 112 -4.93 -6.73 -36.20
C GLU C 112 -5.83 -7.31 -37.28
N THR C 113 -5.26 -8.00 -38.27
CA THR C 113 -6.06 -8.64 -39.29
C THR C 113 -7.02 -9.67 -38.70
N ALA C 114 -6.57 -10.38 -37.66
CA ALA C 114 -7.42 -11.38 -37.02
C ALA C 114 -8.48 -10.73 -36.15
N ILE C 115 -8.13 -9.66 -35.43
CA ILE C 115 -9.12 -8.96 -34.61
C ILE C 115 -10.22 -8.37 -35.48
N LYS C 116 -9.84 -7.75 -36.60
CA LYS C 116 -10.80 -7.08 -37.46
C LYS C 116 -11.48 -8.02 -38.45
N THR C 117 -11.12 -9.30 -38.45
CA THR C 117 -11.82 -10.26 -39.29
C THR C 117 -13.26 -10.43 -38.80
N LYS C 118 -14.19 -10.57 -39.74
CA LYS C 118 -15.58 -10.77 -39.40
C LYS C 118 -15.74 -12.04 -38.57
N GLY C 119 -16.27 -11.89 -37.36
CA GLY C 119 -16.40 -12.99 -36.42
C GLY C 119 -15.19 -13.21 -35.55
N VAL C 120 -14.10 -12.47 -35.78
CA VAL C 120 -12.86 -12.55 -35.01
C VAL C 120 -12.17 -13.89 -35.24
N ASP C 121 -10.92 -13.83 -35.71
CA ASP C 121 -10.10 -15.02 -35.95
C ASP C 121 -9.32 -15.34 -34.68
N GLU C 122 -9.95 -16.08 -33.77
CA GLU C 122 -9.29 -16.40 -32.50
C GLU C 122 -8.12 -17.35 -32.70
N VAL C 123 -8.19 -18.24 -33.70
CA VAL C 123 -7.14 -19.24 -33.90
C VAL C 123 -5.80 -18.54 -34.20
N THR C 124 -5.82 -17.56 -35.09
CA THR C 124 -4.59 -16.83 -35.42
C THR C 124 -4.07 -16.08 -34.20
N ILE C 125 -4.97 -15.48 -33.41
CA ILE C 125 -4.55 -14.77 -32.20
C ILE C 125 -3.93 -15.74 -31.21
N VAL C 126 -4.50 -16.93 -31.07
CA VAL C 126 -3.95 -17.91 -30.14
C VAL C 126 -2.66 -18.50 -30.69
N ASN C 127 -2.60 -18.75 -32.00
CA ASN C 127 -1.41 -19.34 -32.60
C ASN C 127 -0.18 -18.48 -32.39
N ILE C 128 -0.34 -17.17 -32.34
CA ILE C 128 0.80 -16.26 -32.19
C ILE C 128 1.14 -16.05 -30.73
N LEU C 129 0.16 -15.56 -29.95
CA LEU C 129 0.47 -15.06 -28.61
C LEU C 129 0.90 -16.18 -27.66
N THR C 130 0.30 -17.37 -27.78
CA THR C 130 0.70 -18.47 -26.92
C THR C 130 1.99 -19.13 -27.39
N ASN C 131 2.55 -18.70 -28.52
CA ASN C 131 3.80 -19.24 -29.04
C ASN C 131 4.87 -18.16 -29.17
N ARG C 132 4.79 -17.15 -28.31
CA ARG C 132 5.82 -16.13 -28.19
C ARG C 132 6.18 -15.98 -26.73
N SER C 133 7.43 -15.57 -26.49
CA SER C 133 7.85 -15.32 -25.11
C SER C 133 7.19 -14.07 -24.57
N ASN C 134 7.25 -13.91 -23.25
CA ASN C 134 6.68 -12.72 -22.62
C ASN C 134 7.34 -11.45 -23.14
N GLU C 135 8.67 -11.47 -23.30
CA GLU C 135 9.35 -10.31 -23.86
C GLU C 135 8.84 -10.00 -25.27
N GLN C 136 8.64 -11.04 -26.08
CA GLN C 136 8.16 -10.82 -27.44
C GLN C 136 6.74 -10.27 -27.43
N ARG C 137 5.89 -10.76 -26.53
CA ARG C 137 4.54 -10.22 -26.42
C ARG C 137 4.57 -8.74 -26.06
N GLN C 138 5.53 -8.34 -25.22
CA GLN C 138 5.68 -6.92 -24.91
C GLN C 138 6.03 -6.12 -26.16
N ASP C 139 6.92 -6.66 -27.00
CA ASP C 139 7.27 -5.98 -28.24
C ASP C 139 6.10 -5.98 -29.21
N ILE C 140 5.30 -7.04 -29.23
CA ILE C 140 4.12 -7.09 -30.09
C ILE C 140 3.10 -6.05 -29.65
N ALA C 141 2.83 -5.99 -28.34
CA ALA C 141 1.89 -5.01 -27.81
C ALA C 141 2.34 -3.59 -28.10
N PHE C 142 3.66 -3.36 -28.11
CA PHE C 142 4.17 -2.03 -28.43
C PHE C 142 3.99 -1.72 -29.91
N ALA C 143 4.35 -2.68 -30.77
CA ALA C 143 4.21 -2.47 -32.21
C ALA C 143 2.76 -2.34 -32.62
N TYR C 144 1.84 -3.01 -31.91
CA TYR C 144 0.43 -2.91 -32.23
C TYR C 144 -0.10 -1.50 -31.99
N GLN C 145 0.28 -0.90 -30.85
CA GLN C 145 -0.24 0.43 -30.53
C GLN C 145 0.43 1.51 -31.37
N ARG C 146 1.68 1.30 -31.77
CA ARG C 146 2.34 2.29 -32.64
C ARG C 146 1.65 2.38 -33.99
N ARG C 147 1.15 1.25 -34.50
CA ARG C 147 0.51 1.23 -35.81
C ARG C 147 -0.97 1.61 -35.71
N THR C 148 -1.72 0.91 -34.87
CA THR C 148 -3.17 1.10 -34.82
C THR C 148 -3.60 2.27 -33.95
N LYS C 149 -2.69 2.79 -33.10
CA LYS C 149 -2.97 3.84 -32.12
C LYS C 149 -3.97 3.41 -31.06
N LYS C 150 -4.10 2.10 -30.82
CA LYS C 150 -4.97 1.58 -29.77
C LYS C 150 -4.23 0.50 -29.00
N GLU C 151 -4.47 0.44 -27.69
CA GLU C 151 -3.84 -0.57 -26.84
C GLU C 151 -4.26 -1.97 -27.26
N LEU C 152 -3.30 -2.88 -27.36
CA LEU C 152 -3.59 -4.23 -27.80
C LEU C 152 -4.47 -4.98 -26.79
N ALA C 153 -4.20 -4.81 -25.49
CA ALA C 153 -4.98 -5.50 -24.48
C ALA C 153 -6.44 -5.05 -24.50
N SER C 154 -6.67 -3.77 -24.76
CA SER C 154 -8.04 -3.27 -24.84
C SER C 154 -8.74 -3.80 -26.09
N ALA C 155 -8.03 -3.83 -27.23
CA ALA C 155 -8.62 -4.34 -28.45
C ALA C 155 -8.93 -5.84 -28.33
N LEU C 156 -8.12 -6.58 -27.57
CA LEU C 156 -8.38 -8.00 -27.40
C LEU C 156 -9.47 -8.25 -26.36
N LYS C 157 -9.52 -7.42 -25.32
CA LYS C 157 -10.57 -7.56 -24.32
C LYS C 157 -11.96 -7.40 -24.94
N SER C 158 -12.06 -6.58 -25.99
CA SER C 158 -13.33 -6.40 -26.68
C SER C 158 -13.58 -7.48 -27.73
N ALA C 159 -12.52 -8.01 -28.34
CA ALA C 159 -12.67 -9.01 -29.40
C ALA C 159 -12.79 -10.44 -28.86
N LEU C 160 -12.36 -10.69 -27.64
CA LEU C 160 -12.43 -12.02 -27.04
C LEU C 160 -13.45 -12.03 -25.91
N SER C 161 -13.64 -13.22 -25.34
CA SER C 161 -14.56 -13.41 -24.22
C SER C 161 -14.22 -14.71 -23.52
N GLY C 162 -14.89 -14.93 -22.40
CA GLY C 162 -14.76 -16.16 -21.64
C GLY C 162 -13.35 -16.41 -21.13
N HIS C 163 -13.05 -17.69 -20.93
CA HIS C 163 -11.74 -18.06 -20.41
C HIS C 163 -10.63 -17.77 -21.40
N LEU C 164 -10.94 -17.76 -22.70
CA LEU C 164 -9.93 -17.40 -23.70
C LEU C 164 -9.46 -15.97 -23.49
N GLU C 165 -10.38 -15.05 -23.18
CA GLU C 165 -9.98 -13.68 -22.87
C GLU C 165 -9.09 -13.63 -21.64
N THR C 166 -9.40 -14.44 -20.63
CA THR C 166 -8.61 -14.46 -19.40
C THR C 166 -7.19 -14.94 -19.68
N VAL C 167 -7.03 -15.94 -20.54
CA VAL C 167 -5.71 -16.46 -20.85
C VAL C 167 -4.89 -15.43 -21.62
N ILE C 168 -5.47 -14.86 -22.68
CA ILE C 168 -4.73 -13.96 -23.55
C ILE C 168 -4.35 -12.69 -22.81
N LEU C 169 -5.30 -12.10 -22.07
CA LEU C 169 -4.98 -10.89 -21.31
C LEU C 169 -3.94 -11.16 -20.24
N GLY C 170 -3.95 -12.36 -19.65
CA GLY C 170 -2.92 -12.70 -18.67
C GLY C 170 -1.55 -12.88 -19.29
N LEU C 171 -1.50 -13.35 -20.54
CA LEU C 171 -0.22 -13.52 -21.23
C LEU C 171 0.41 -12.19 -21.60
N LEU C 172 -0.38 -11.13 -21.74
CA LEU C 172 0.13 -9.84 -22.15
C LEU C 172 0.82 -9.09 -21.02
N LYS C 173 0.56 -9.46 -19.77
CA LYS C 173 1.23 -8.85 -18.64
C LYS C 173 2.61 -9.48 -18.44
N THR C 174 3.53 -8.68 -17.90
CA THR C 174 4.81 -9.21 -17.47
C THR C 174 4.58 -10.15 -16.28
N PRO C 175 5.53 -11.06 -16.01
CA PRO C 175 5.35 -11.97 -14.86
C PRO C 175 5.04 -11.24 -13.55
N ALA C 176 5.68 -10.10 -13.30
CA ALA C 176 5.38 -9.33 -12.10
C ALA C 176 3.99 -8.73 -12.16
N GLN C 177 3.65 -8.10 -13.30
CA GLN C 177 2.32 -7.50 -13.45
C GLN C 177 1.23 -8.55 -13.30
N TYR C 178 1.44 -9.74 -13.85
CA TYR C 178 0.44 -10.80 -13.75
C TYR C 178 0.28 -11.24 -12.29
N ASP C 179 1.39 -11.54 -11.62
CA ASP C 179 1.32 -12.00 -10.24
C ASP C 179 0.76 -10.90 -9.33
N ALA C 180 1.13 -9.65 -9.57
CA ALA C 180 0.61 -8.55 -8.76
C ALA C 180 -0.88 -8.38 -8.95
N SER C 181 -1.36 -8.47 -10.19
CA SER C 181 -2.79 -8.31 -10.45
C SER C 181 -3.59 -9.48 -9.89
N GLU C 182 -3.04 -10.70 -9.94
CA GLU C 182 -3.70 -11.84 -9.33
C GLU C 182 -3.76 -11.69 -7.81
N LEU C 183 -2.69 -11.17 -7.21
CA LEU C 183 -2.70 -10.93 -5.77
C LEU C 183 -3.70 -9.83 -5.40
N LYS C 184 -3.73 -8.76 -6.18
CA LYS C 184 -4.65 -7.66 -5.89
C LYS C 184 -6.10 -8.11 -6.02
N ALA C 185 -6.41 -8.86 -7.08
CA ALA C 185 -7.78 -9.30 -7.30
C ALA C 185 -8.27 -10.28 -6.24
N SER C 186 -7.35 -10.87 -5.48
CA SER C 186 -7.74 -11.79 -4.41
C SER C 186 -7.88 -11.11 -3.05
N MET C 187 -7.58 -9.82 -2.96
CA MET C 187 -7.75 -9.06 -1.71
C MET C 187 -9.21 -8.66 -1.60
N LYS C 188 -9.97 -9.38 -0.77
CA LYS C 188 -11.40 -9.15 -0.64
C LYS C 188 -11.84 -9.11 0.83
N GLY C 189 -10.97 -8.61 1.71
CA GLY C 189 -11.32 -8.53 3.12
C GLY C 189 -11.42 -9.91 3.73
N LEU C 190 -12.54 -10.18 4.42
CA LEU C 190 -12.78 -11.50 4.96
C LEU C 190 -13.08 -12.52 3.86
N GLY C 191 -13.48 -12.06 2.68
CA GLY C 191 -13.72 -12.95 1.55
C GLY C 191 -12.48 -13.11 0.69
N THR C 192 -11.31 -12.85 1.27
CA THR C 192 -10.06 -12.93 0.55
C THR C 192 -9.84 -14.34 0.00
N ASP C 193 -9.38 -14.42 -1.25
CA ASP C 193 -9.02 -15.69 -1.87
C ASP C 193 -7.64 -16.10 -1.33
N GLU C 194 -7.65 -16.82 -0.21
CA GLU C 194 -6.40 -17.17 0.44
C GLU C 194 -5.58 -18.14 -0.41
N ASP C 195 -6.24 -19.02 -1.17
CA ASP C 195 -5.51 -20.01 -1.96
C ASP C 195 -4.67 -19.34 -3.04
N SER C 196 -5.16 -18.25 -3.61
CA SER C 196 -4.36 -17.53 -4.60
C SER C 196 -3.17 -16.81 -3.95
N LEU C 197 -3.39 -16.21 -2.79
CA LEU C 197 -2.27 -15.67 -2.01
C LEU C 197 -1.25 -16.75 -1.71
N ILE C 198 -1.71 -17.91 -1.25
CA ILE C 198 -0.81 -18.97 -0.84
C ILE C 198 -0.02 -19.49 -2.03
N GLU C 199 -0.71 -19.74 -3.16
CA GLU C 199 -0.04 -20.32 -4.32
C GLU C 199 1.07 -19.41 -4.84
N ILE C 200 0.83 -18.09 -4.84
CA ILE C 200 1.80 -17.16 -5.41
C ILE C 200 2.92 -16.87 -4.42
N ILE C 201 2.57 -16.52 -3.18
CA ILE C 201 3.57 -16.11 -2.20
C ILE C 201 4.51 -17.26 -1.88
N CYS C 202 3.98 -18.48 -1.78
CA CYS C 202 4.81 -19.62 -1.39
C CYS C 202 5.70 -20.13 -2.51
N SER C 203 5.35 -19.90 -3.78
CA SER C 203 6.06 -20.50 -4.89
C SER C 203 7.03 -19.55 -5.59
N ARG C 204 6.96 -18.25 -5.32
CA ARG C 204 7.80 -17.29 -6.00
C ARG C 204 9.14 -17.13 -5.27
N THR C 205 10.18 -16.83 -6.04
CA THR C 205 11.51 -16.70 -5.50
C THR C 205 11.75 -15.27 -5.01
N ASN C 206 12.94 -15.03 -4.45
CA ASN C 206 13.31 -13.70 -3.97
C ASN C 206 13.23 -12.69 -5.10
N GLN C 207 13.86 -13.00 -6.25
CA GLN C 207 13.88 -12.07 -7.36
C GLN C 207 12.48 -11.78 -7.88
N GLU C 208 11.63 -12.80 -7.90
CA GLU C 208 10.25 -12.61 -8.36
C GLU C 208 9.44 -11.79 -7.38
N LEU C 209 9.65 -12.02 -6.07
CA LEU C 209 8.89 -11.27 -5.08
C LEU C 209 9.36 -9.83 -4.96
N GLN C 210 10.65 -9.57 -5.14
CA GLN C 210 11.14 -8.20 -5.16
C GLN C 210 10.55 -7.43 -6.34
N GLU C 211 10.39 -8.11 -7.47
CA GLU C 211 9.78 -7.46 -8.63
C GLU C 211 8.28 -7.25 -8.42
N ILE C 212 7.62 -8.20 -7.75
CA ILE C 212 6.20 -8.05 -7.46
C ILE C 212 5.96 -6.92 -6.47
N ASN C 213 6.81 -6.81 -5.45
CA ASN C 213 6.62 -5.77 -4.44
C ASN C 213 6.70 -4.38 -5.06
N ARG C 214 7.61 -4.18 -6.01
CA ARG C 214 7.75 -2.87 -6.63
C ARG C 214 6.59 -2.59 -7.59
N VAL C 215 6.26 -3.58 -8.43
CA VAL C 215 5.23 -3.39 -9.44
C VAL C 215 3.85 -3.26 -8.79
N TYR C 216 3.61 -4.00 -7.70
CA TYR C 216 2.37 -3.85 -6.95
C TYR C 216 2.21 -2.42 -6.44
N LYS C 217 3.30 -1.82 -5.94
CA LYS C 217 3.23 -0.46 -5.42
C LYS C 217 3.01 0.55 -6.54
N GLU C 218 3.60 0.30 -7.72
CA GLU C 218 3.41 1.21 -8.83
C GLU C 218 1.98 1.16 -9.37
N MET C 219 1.41 -0.05 -9.45
CA MET C 219 0.10 -0.23 -10.06
C MET C 219 -1.03 0.24 -9.15
N TYR C 220 -0.99 -0.12 -7.87
CA TYR C 220 -2.12 0.07 -6.98
C TYR C 220 -1.85 1.08 -5.87
N LYS C 221 -0.72 1.79 -5.94
CA LYS C 221 -0.40 2.90 -5.04
C LYS C 221 -0.36 2.48 -3.56
N THR C 222 -0.27 1.18 -3.29
CA THR C 222 -0.14 0.71 -1.92
C THR C 222 0.74 -0.53 -1.92
N ASP C 223 1.51 -0.69 -0.84
CA ASP C 223 2.44 -1.80 -0.75
C ASP C 223 1.68 -3.11 -0.58
N LEU C 224 2.28 -4.18 -1.13
CA LEU C 224 1.66 -5.50 -1.02
C LEU C 224 1.53 -5.94 0.43
N GLU C 225 2.55 -5.64 1.24
CA GLU C 225 2.52 -6.07 2.64
C GLU C 225 1.33 -5.49 3.38
N LYS C 226 0.95 -4.25 3.06
CA LYS C 226 -0.17 -3.62 3.74
C LYS C 226 -1.49 -4.26 3.35
N ASP C 227 -1.67 -4.61 2.07
CA ASP C 227 -2.86 -5.33 1.67
C ASP C 227 -2.89 -6.73 2.29
N ILE C 228 -1.72 -7.37 2.41
CA ILE C 228 -1.65 -8.66 3.11
C ILE C 228 -2.09 -8.51 4.55
N ILE C 229 -1.63 -7.45 5.22
CA ILE C 229 -1.98 -7.22 6.62
C ILE C 229 -3.47 -6.96 6.75
N SER C 230 -4.05 -6.23 5.80
CA SER C 230 -5.47 -5.88 5.85
C SER C 230 -6.39 -7.03 5.45
N ASP C 231 -5.86 -8.10 4.88
CA ASP C 231 -6.68 -9.16 4.32
C ASP C 231 -6.37 -10.55 4.87
N THR C 232 -5.44 -10.66 5.82
CA THR C 232 -5.15 -11.91 6.52
C THR C 232 -5.06 -11.61 8.01
N SER C 233 -4.86 -12.64 8.81
CA SER C 233 -4.80 -12.47 10.26
C SER C 233 -4.04 -13.62 10.89
N GLY C 234 -3.77 -13.48 12.18
CA GLY C 234 -3.15 -14.52 12.97
C GLY C 234 -1.74 -14.85 12.53
N ASP C 235 -1.30 -16.06 12.86
CA ASP C 235 0.00 -16.53 12.40
C ASP C 235 0.04 -16.70 10.89
N PHE C 236 -1.11 -16.97 10.28
CA PHE C 236 -1.19 -17.03 8.82
C PHE C 236 -0.74 -15.72 8.20
N ARG C 237 -1.17 -14.59 8.77
CA ARG C 237 -0.71 -13.28 8.32
C ARG C 237 0.79 -13.14 8.51
N LYS C 238 1.32 -13.61 9.64
CA LYS C 238 2.75 -13.50 9.91
C LYS C 238 3.56 -14.30 8.90
N LEU C 239 3.09 -15.50 8.54
CA LEU C 239 3.81 -16.32 7.59
C LEU C 239 3.80 -15.69 6.20
N MET C 240 2.65 -15.14 5.77
CA MET C 240 2.57 -14.53 4.46
C MET C 240 3.41 -13.26 4.38
N VAL C 241 3.39 -12.45 5.43
CA VAL C 241 4.21 -11.23 5.44
C VAL C 241 5.68 -11.57 5.36
N ALA C 242 6.12 -12.59 6.11
CA ALA C 242 7.53 -12.97 6.11
C ALA C 242 7.95 -13.51 4.75
N LEU C 243 7.10 -14.31 4.12
CA LEU C 243 7.44 -14.88 2.82
C LEU C 243 7.47 -13.80 1.73
N ALA C 244 6.50 -12.88 1.76
CA ALA C 244 6.37 -11.88 0.70
C ALA C 244 7.50 -10.86 0.71
N LYS C 245 8.26 -10.75 1.81
CA LYS C 245 9.40 -9.84 1.83
C LYS C 245 10.48 -10.25 0.84
N GLY C 246 10.49 -11.51 0.42
CA GLY C 246 11.43 -11.97 -0.60
C GLY C 246 12.88 -11.80 -0.22
N ARG C 247 13.22 -11.96 1.05
CA ARG C 247 14.60 -11.87 1.52
C ARG C 247 15.06 -13.19 2.14
N ARG C 248 14.64 -14.30 1.54
CA ARG C 248 15.18 -15.60 1.93
C ARG C 248 16.68 -15.62 1.67
N ALA C 249 17.43 -16.28 2.55
CA ALA C 249 18.88 -16.38 2.38
C ALA C 249 19.19 -17.04 1.04
N GLU C 250 20.16 -16.45 0.33
CA GLU C 250 20.52 -16.95 -0.99
C GLU C 250 21.29 -18.27 -0.87
N ASP C 251 21.47 -18.92 -2.02
CA ASP C 251 22.17 -20.21 -2.07
C ASP C 251 23.59 -20.11 -1.55
N GLY C 252 23.83 -20.65 -0.35
CA GLY C 252 25.17 -20.73 0.16
C GLY C 252 25.97 -21.79 -0.58
N SER C 253 27.21 -21.43 -0.94
CA SER C 253 28.08 -22.38 -1.63
C SER C 253 28.42 -23.57 -0.73
N VAL C 254 28.41 -23.36 0.59
CA VAL C 254 28.76 -24.41 1.55
C VAL C 254 27.48 -25.03 2.08
N ILE C 255 27.58 -26.30 2.44
CA ILE C 255 26.50 -27.02 3.11
C ILE C 255 26.80 -26.99 4.60
N ASP C 256 25.87 -26.43 5.38
CA ASP C 256 26.06 -26.30 6.83
C ASP C 256 25.36 -27.49 7.49
N TYR C 257 26.08 -28.60 7.61
CA TYR C 257 25.49 -29.81 8.18
C TYR C 257 25.11 -29.61 9.64
N GLU C 258 25.92 -28.86 10.40
CA GLU C 258 25.59 -28.60 11.79
C GLU C 258 24.28 -27.82 11.90
N LEU C 259 24.09 -26.83 11.02
CA LEU C 259 22.84 -26.07 11.04
C LEU C 259 21.67 -26.89 10.52
N ILE C 260 21.91 -27.78 9.56
CA ILE C 260 20.85 -28.66 9.07
C ILE C 260 20.31 -29.52 10.21
N ASP C 261 21.21 -30.04 11.04
CA ASP C 261 20.79 -30.90 12.15
C ASP C 261 20.03 -30.11 13.21
N GLN C 262 20.50 -28.91 13.54
CA GLN C 262 19.84 -28.14 14.59
C GLN C 262 18.48 -27.64 14.13
N ASP C 263 18.38 -27.18 12.88
CA ASP C 263 17.08 -26.78 12.35
C ASP C 263 16.10 -27.95 12.36
N ALA C 264 16.58 -29.15 12.07
CA ALA C 264 15.72 -30.32 12.12
C ALA C 264 15.22 -30.58 13.53
N ARG C 265 16.12 -30.53 14.52
CA ARG C 265 15.70 -30.68 15.92
C ARG C 265 14.75 -29.56 16.33
N ASP C 266 15.04 -28.33 15.90
CA ASP C 266 14.19 -27.19 16.29
C ASP C 266 12.78 -27.34 15.72
N LEU C 267 12.67 -27.77 14.46
CA LEU C 267 11.34 -28.02 13.89
C LEU C 267 10.62 -29.10 14.67
N TYR C 268 11.34 -30.14 15.10
CA TYR C 268 10.73 -31.24 15.83
C TYR C 268 10.35 -30.82 17.25
N ASP C 269 11.27 -30.14 17.94
CA ASP C 269 10.99 -29.66 19.30
C ASP C 269 9.86 -28.64 19.34
N ALA C 270 9.61 -27.93 18.25
CA ALA C 270 8.57 -26.90 18.23
C ALA C 270 7.20 -27.43 17.85
N GLY C 271 7.10 -28.67 17.39
CA GLY C 271 5.82 -29.19 16.95
C GLY C 271 5.44 -30.54 17.51
N VAL C 272 5.87 -31.62 16.83
CA VAL C 272 5.40 -32.95 17.17
C VAL C 272 5.86 -33.38 18.56
N LYS C 273 7.04 -32.93 18.99
CA LYS C 273 7.58 -33.39 20.26
C LYS C 273 6.90 -32.76 21.48
N ARG C 274 6.11 -31.72 21.30
CA ARG C 274 5.54 -30.97 22.42
C ARG C 274 4.05 -30.80 22.25
N LYS C 275 3.39 -30.42 23.34
CA LYS C 275 1.99 -30.02 23.28
C LYS C 275 1.87 -28.65 22.62
N GLY C 276 0.91 -28.51 21.72
CA GLY C 276 0.83 -27.24 21.02
C GLY C 276 1.95 -27.13 19.99
N THR C 277 2.12 -25.92 19.48
CA THR C 277 3.12 -25.66 18.45
C THR C 277 3.74 -24.29 18.66
N ASP C 278 5.07 -24.22 18.51
CA ASP C 278 5.79 -22.95 18.46
C ASP C 278 5.83 -22.49 17.01
N VAL C 279 4.73 -21.86 16.58
CA VAL C 279 4.61 -21.43 15.18
C VAL C 279 5.69 -20.44 14.79
N PRO C 280 6.05 -19.42 15.60
CA PRO C 280 7.13 -18.51 15.19
C PRO C 280 8.44 -19.22 14.88
N LYS C 281 8.73 -20.31 15.57
CA LYS C 281 9.95 -21.07 15.25
C LYS C 281 9.85 -21.69 13.86
N TRP C 282 8.68 -22.25 13.51
CA TRP C 282 8.49 -22.78 12.17
C TRP C 282 8.61 -21.68 11.12
N ILE C 283 8.03 -20.52 11.40
CA ILE C 283 8.05 -19.42 10.43
C ILE C 283 9.48 -18.93 10.21
N SER C 284 10.25 -18.80 11.29
CA SER C 284 11.63 -18.32 11.16
C SER C 284 12.45 -19.26 10.29
N ILE C 285 12.41 -20.56 10.59
CA ILE C 285 13.27 -21.52 9.89
C ILE C 285 12.83 -21.64 8.44
N MET C 286 11.52 -21.76 8.19
CA MET C 286 11.03 -22.07 6.86
C MET C 286 10.99 -20.86 5.92
N THR C 287 11.22 -19.64 6.43
CA THR C 287 11.25 -18.46 5.57
C THR C 287 12.62 -17.82 5.44
N GLU C 288 13.56 -18.16 6.32
CA GLU C 288 14.87 -17.50 6.32
C GLU C 288 15.97 -18.36 5.73
N ARG C 289 15.85 -19.69 5.77
CA ARG C 289 16.89 -20.55 5.23
C ARG C 289 16.74 -20.73 3.73
N SER C 290 17.87 -20.95 3.05
CA SER C 290 17.83 -21.18 1.62
C SER C 290 17.08 -22.46 1.29
N VAL C 291 16.55 -22.52 0.06
CA VAL C 291 15.81 -23.70 -0.38
C VAL C 291 16.66 -24.97 -0.32
N PRO C 292 17.89 -24.99 -0.85
CA PRO C 292 18.70 -26.22 -0.73
C PRO C 292 18.95 -26.64 0.71
N HIS C 293 19.08 -25.68 1.62
CA HIS C 293 19.26 -25.99 3.02
C HIS C 293 18.01 -26.64 3.60
N LEU C 294 16.84 -26.08 3.30
CA LEU C 294 15.60 -26.62 3.85
C LEU C 294 15.27 -28.00 3.30
N GLN C 295 15.71 -28.30 2.07
CA GLN C 295 15.53 -29.65 1.54
C GLN C 295 16.24 -30.68 2.40
N LYS C 296 17.48 -30.38 2.79
CA LYS C 296 18.21 -31.32 3.63
C LYS C 296 17.72 -31.29 5.07
N VAL C 297 17.15 -30.17 5.52
CA VAL C 297 16.57 -30.11 6.85
C VAL C 297 15.36 -31.04 6.95
N PHE C 298 14.50 -31.03 5.92
CA PHE C 298 13.31 -31.88 5.96
C PHE C 298 13.67 -33.35 5.89
N ASP C 299 14.77 -33.70 5.21
CA ASP C 299 15.24 -35.08 5.22
C ASP C 299 15.81 -35.46 6.57
N ARG C 300 16.64 -34.58 7.14
CA ARG C 300 17.18 -34.83 8.48
C ARG C 300 16.07 -34.85 9.53
N TYR C 301 14.99 -34.09 9.29
CA TYR C 301 13.86 -34.09 10.21
C TYR C 301 13.22 -35.46 10.34
N LYS C 302 13.25 -36.26 9.26
CA LYS C 302 12.71 -37.61 9.32
C LYS C 302 13.48 -38.50 10.28
N SER C 303 14.74 -38.16 10.57
CA SER C 303 15.52 -38.98 11.48
C SER C 303 15.06 -38.81 12.92
N TYR C 304 14.50 -37.65 13.26
CA TYR C 304 14.00 -37.37 14.60
C TYR C 304 12.50 -37.62 14.73
N SER C 305 11.72 -37.27 13.71
CA SER C 305 10.28 -37.40 13.77
C SER C 305 9.80 -38.63 13.01
N PRO C 306 8.82 -39.35 13.56
CA PRO C 306 8.24 -40.48 12.80
C PRO C 306 7.36 -40.03 11.66
N TYR C 307 6.84 -38.80 11.69
CA TYR C 307 6.14 -38.22 10.56
C TYR C 307 7.07 -37.26 9.82
N ASP C 308 6.90 -37.20 8.50
CA ASP C 308 7.69 -36.25 7.74
C ASP C 308 7.15 -34.83 7.96
N MET C 309 7.72 -33.86 7.25
CA MET C 309 7.34 -32.47 7.46
C MET C 309 5.88 -32.23 7.09
N LEU C 310 5.42 -32.81 5.98
CA LEU C 310 4.03 -32.61 5.55
C LEU C 310 3.05 -33.26 6.51
N GLU C 311 3.33 -34.49 6.95
CA GLU C 311 2.47 -35.14 7.93
C GLU C 311 2.48 -34.40 9.25
N SER C 312 3.63 -33.83 9.63
CA SER C 312 3.71 -33.06 10.87
C SER C 312 2.84 -31.81 10.80
N ILE C 313 2.87 -31.11 9.67
CA ILE C 313 2.06 -29.91 9.51
C ILE C 313 0.58 -30.23 9.68
N ARG C 314 0.12 -31.30 9.03
CA ARG C 314 -1.29 -31.67 9.14
C ARG C 314 -1.68 -32.00 10.56
N LYS C 315 -0.77 -32.58 11.33
CA LYS C 315 -1.07 -32.93 12.71
C LYS C 315 -0.99 -31.73 13.63
N GLU C 316 -0.19 -30.72 13.28
CA GLU C 316 0.09 -29.64 14.23
C GLU C 316 -0.82 -28.43 14.05
N VAL C 317 -1.14 -28.05 12.81
CA VAL C 317 -1.89 -26.82 12.56
C VAL C 317 -3.10 -27.14 11.68
N LYS C 318 -4.03 -26.18 11.65
CA LYS C 318 -5.28 -26.29 10.91
C LYS C 318 -5.49 -25.01 10.11
N GLY C 319 -6.56 -25.00 9.30
CA GLY C 319 -6.98 -23.79 8.62
C GLY C 319 -6.00 -23.31 7.57
N ASP C 320 -6.04 -22.00 7.31
CA ASP C 320 -5.20 -21.42 6.26
C ASP C 320 -3.72 -21.49 6.62
N LEU C 321 -3.39 -21.50 7.91
CA LEU C 321 -1.99 -21.68 8.30
C LEU C 321 -1.49 -23.05 7.90
N GLU C 322 -2.31 -24.09 8.09
CA GLU C 322 -1.94 -25.43 7.65
C GLU C 322 -1.77 -25.48 6.14
N ASN C 323 -2.72 -24.91 5.40
CA ASN C 323 -2.64 -24.92 3.94
C ASN C 323 -1.39 -24.21 3.45
N ALA C 324 -1.02 -23.09 4.09
CA ALA C 324 0.14 -22.34 3.67
C ALA C 324 1.43 -23.13 3.89
N PHE C 325 1.59 -23.73 5.07
CA PHE C 325 2.78 -24.53 5.34
C PHE C 325 2.89 -25.72 4.39
N LEU C 326 1.76 -26.36 4.08
CA LEU C 326 1.78 -27.48 3.15
C LEU C 326 2.23 -27.04 1.76
N ASN C 327 1.74 -25.89 1.29
CA ASN C 327 2.16 -25.38 -0.01
C ASN C 327 3.62 -24.97 0.01
N LEU C 328 4.06 -24.31 1.09
CA LEU C 328 5.44 -23.86 1.17
C LEU C 328 6.41 -25.03 1.15
N VAL C 329 6.11 -26.09 1.92
CA VAL C 329 7.02 -27.22 1.98
C VAL C 329 7.03 -27.99 0.66
N GLN C 330 5.89 -28.06 -0.02
CA GLN C 330 5.87 -28.68 -1.35
C GLN C 330 6.73 -27.89 -2.32
N CYS C 331 6.66 -26.56 -2.26
CA CYS C 331 7.44 -25.74 -3.18
C CYS C 331 8.94 -25.88 -2.92
N ILE C 332 9.33 -26.10 -1.68
CA ILE C 332 10.75 -26.25 -1.36
C ILE C 332 11.27 -27.61 -1.79
N GLN C 333 10.46 -28.66 -1.58
CA GLN C 333 10.92 -30.01 -1.89
C GLN C 333 10.90 -30.29 -3.39
N ASN C 334 9.84 -29.89 -4.08
CA ASN C 334 9.71 -30.20 -5.51
C ASN C 334 8.62 -29.27 -6.08
N LYS C 335 9.04 -28.10 -6.54
CA LYS C 335 8.10 -27.11 -7.05
C LYS C 335 7.40 -27.57 -8.34
N PRO C 336 8.10 -28.20 -9.30
CA PRO C 336 7.38 -28.75 -10.45
C PRO C 336 6.30 -29.76 -10.05
N LEU C 337 6.61 -30.66 -9.12
CA LEU C 337 5.59 -31.58 -8.64
C LEU C 337 4.47 -30.85 -7.92
N TYR C 338 4.78 -29.75 -7.24
CA TYR C 338 3.76 -28.95 -6.58
C TYR C 338 2.74 -28.43 -7.58
N PHE C 339 3.21 -27.83 -8.68
CA PHE C 339 2.29 -27.33 -9.69
C PHE C 339 1.59 -28.46 -10.44
N ALA C 340 2.24 -29.61 -10.60
CA ALA C 340 1.59 -30.75 -11.21
C ALA C 340 0.39 -31.21 -10.39
N ASP C 341 0.54 -31.22 -9.06
CA ASP C 341 -0.56 -31.65 -8.20
C ASP C 341 -1.70 -30.64 -8.22
N ARG C 342 -1.38 -29.35 -8.23
CA ARG C 342 -2.44 -28.34 -8.27
C ARG C 342 -3.13 -28.31 -9.63
N LEU C 343 -2.40 -28.59 -10.71
CA LEU C 343 -3.05 -28.76 -12.01
C LEU C 343 -3.99 -29.96 -11.99
N TYR C 344 -3.55 -31.07 -11.41
CA TYR C 344 -4.43 -32.22 -11.25
C TYR C 344 -5.63 -31.89 -10.38
N ASP C 345 -5.41 -31.13 -9.30
CA ASP C 345 -6.51 -30.76 -8.42
C ASP C 345 -7.51 -29.86 -9.12
N SER C 346 -7.05 -29.04 -10.07
CA SER C 346 -7.95 -28.10 -10.73
C SER C 346 -8.86 -28.78 -11.76
N MET C 347 -8.53 -30.00 -12.18
CA MET C 347 -9.26 -30.67 -13.24
C MET C 347 -9.86 -32.02 -12.86
N LYS C 348 -9.40 -32.65 -11.78
CA LYS C 348 -9.73 -34.04 -11.52
C LYS C 348 -11.24 -34.25 -11.38
N GLY C 349 -11.94 -33.32 -10.72
CA GLY C 349 -13.31 -33.51 -10.34
C GLY C 349 -14.30 -32.79 -11.25
N LYS C 350 -15.49 -32.55 -10.70
CA LYS C 350 -16.55 -31.90 -11.46
C LYS C 350 -16.13 -30.50 -11.87
N GLY C 351 -16.42 -30.16 -13.12
CA GLY C 351 -16.06 -28.83 -13.61
C GLY C 351 -14.56 -28.64 -13.69
N THR C 352 -14.14 -27.38 -13.59
CA THR C 352 -12.73 -27.03 -13.68
C THR C 352 -12.49 -25.77 -12.86
N ARG C 353 -11.43 -25.77 -12.06
CA ARG C 353 -11.00 -24.56 -11.35
C ARG C 353 -10.15 -23.76 -12.32
N ASP C 354 -10.82 -23.09 -13.26
CA ASP C 354 -10.14 -22.40 -14.35
C ASP C 354 -9.19 -21.33 -13.83
N LYS C 355 -9.53 -20.69 -12.71
CA LYS C 355 -8.66 -19.67 -12.14
C LYS C 355 -7.28 -20.24 -11.81
N VAL C 356 -7.24 -21.42 -11.18
CA VAL C 356 -5.96 -22.05 -10.88
C VAL C 356 -5.33 -22.61 -12.15
N LEU C 357 -6.15 -23.18 -13.04
CA LEU C 357 -5.61 -23.79 -14.26
C LEU C 357 -4.96 -22.74 -15.14
N ILE C 358 -5.64 -21.61 -15.37
CA ILE C 358 -5.10 -20.58 -16.24
C ILE C 358 -3.83 -19.97 -15.63
N ARG C 359 -3.87 -19.66 -14.33
CA ARG C 359 -2.76 -18.97 -13.71
C ARG C 359 -1.48 -19.80 -13.76
N ILE C 360 -1.60 -21.12 -13.57
CA ILE C 360 -0.41 -21.96 -13.59
C ILE C 360 0.14 -22.09 -15.01
N MET C 361 -0.75 -22.33 -15.98
CA MET C 361 -0.29 -22.46 -17.37
C MET C 361 0.30 -21.15 -17.89
N VAL C 362 -0.27 -20.02 -17.47
CA VAL C 362 0.24 -18.73 -17.93
C VAL C 362 1.58 -18.41 -17.27
N SER C 363 1.69 -18.66 -15.96
CA SER C 363 2.85 -18.22 -15.20
C SER C 363 4.00 -19.23 -15.18
N ARG C 364 3.77 -20.48 -15.58
CA ARG C 364 4.84 -21.47 -15.56
C ARG C 364 5.24 -22.00 -16.93
N SER C 365 4.55 -21.58 -18.00
CA SER C 365 4.89 -22.09 -19.33
C SER C 365 6.30 -21.71 -19.74
N GLU C 366 6.83 -20.62 -19.18
CA GLU C 366 8.16 -20.14 -19.53
C GLU C 366 9.18 -20.38 -18.43
N VAL C 367 8.84 -21.18 -17.42
CA VAL C 367 9.73 -21.39 -16.29
C VAL C 367 10.15 -22.85 -16.20
N ASP C 368 9.21 -23.74 -15.87
CA ASP C 368 9.52 -25.14 -15.64
C ASP C 368 8.40 -26.04 -16.12
N MET C 369 7.81 -25.72 -17.28
CA MET C 369 6.66 -26.47 -17.76
C MET C 369 7.03 -27.88 -18.18
N LEU C 370 8.23 -28.07 -18.72
CA LEU C 370 8.67 -29.42 -19.09
C LEU C 370 8.84 -30.29 -17.85
N LYS C 371 9.30 -29.71 -16.75
CA LYS C 371 9.44 -30.48 -15.51
C LYS C 371 8.10 -30.73 -14.85
N ILE C 372 7.16 -29.77 -14.96
CA ILE C 372 5.80 -30.00 -14.48
C ILE C 372 5.15 -31.14 -15.24
N ARG C 373 5.34 -31.17 -16.56
CA ARG C 373 4.79 -32.24 -17.39
C ARG C 373 5.42 -33.59 -17.04
N SER C 374 6.74 -33.60 -16.85
CA SER C 374 7.42 -34.85 -16.51
C SER C 374 6.91 -35.41 -15.18
N GLU C 375 6.78 -34.55 -14.17
CA GLU C 375 6.25 -35.00 -12.89
C GLU C 375 4.80 -35.44 -13.01
N PHE C 376 4.02 -34.74 -13.84
CA PHE C 376 2.60 -35.07 -13.98
C PHE C 376 2.43 -36.45 -14.62
N LYS C 377 3.12 -36.70 -15.73
CA LYS C 377 3.00 -37.98 -16.40
C LYS C 377 3.48 -39.14 -15.51
N ARG C 378 4.57 -38.92 -14.78
CA ARG C 378 5.12 -39.97 -13.93
C ARG C 378 4.16 -40.35 -12.80
N LYS C 379 3.37 -39.39 -12.30
CA LYS C 379 2.52 -39.65 -11.16
C LYS C 379 1.13 -40.12 -11.55
N TYR C 380 0.55 -39.56 -12.61
CA TYR C 380 -0.85 -39.82 -12.95
C TYR C 380 -1.02 -40.72 -14.18
N GLY C 381 0.07 -41.11 -14.83
CA GLY C 381 0.01 -42.05 -15.93
C GLY C 381 -0.45 -41.48 -17.25
N LYS C 382 -1.14 -40.34 -17.24
CA LYS C 382 -1.54 -39.65 -18.45
C LYS C 382 -0.92 -38.27 -18.47
N SER C 383 -0.80 -37.71 -19.66
CA SER C 383 -0.12 -36.42 -19.82
C SER C 383 -0.99 -35.28 -19.29
N LEU C 384 -0.33 -34.18 -18.93
CA LEU C 384 -1.05 -32.95 -18.64
C LEU C 384 -1.85 -32.47 -19.85
N TYR C 385 -1.27 -32.64 -21.04
CA TYR C 385 -1.97 -32.37 -22.29
C TYR C 385 -3.29 -33.12 -22.35
N TYR C 386 -3.31 -34.37 -21.87
CA TYR C 386 -4.52 -35.18 -21.94
C TYR C 386 -5.59 -34.65 -20.98
N TYR C 387 -5.21 -34.28 -19.76
CA TYR C 387 -6.19 -33.79 -18.80
C TYR C 387 -6.76 -32.45 -19.23
N ILE C 388 -5.92 -31.57 -19.78
CA ILE C 388 -6.42 -30.31 -20.34
C ILE C 388 -7.42 -30.60 -21.46
N GLN C 389 -7.12 -31.60 -22.28
CA GLN C 389 -8.00 -31.94 -23.40
C GLN C 389 -9.37 -32.39 -22.92
N GLN C 390 -9.41 -33.15 -21.83
CA GLN C 390 -10.66 -33.69 -21.33
C GLN C 390 -11.47 -32.68 -20.52
N ASP C 391 -10.84 -31.61 -20.04
CA ASP C 391 -11.53 -30.67 -19.15
C ASP C 391 -11.90 -29.36 -19.82
N THR C 392 -11.26 -29.00 -20.94
CA THR C 392 -11.53 -27.74 -21.61
C THR C 392 -11.87 -28.00 -23.07
N LYS C 393 -12.53 -27.00 -23.68
CA LYS C 393 -12.98 -27.10 -25.06
C LYS C 393 -12.66 -25.80 -25.80
N GLY C 394 -12.81 -25.85 -27.13
CA GLY C 394 -12.72 -24.67 -27.97
C GLY C 394 -11.33 -24.05 -28.05
N ASP C 395 -11.32 -22.78 -28.49
CA ASP C 395 -10.07 -22.05 -28.60
C ASP C 395 -9.40 -21.88 -27.24
N TYR C 396 -10.20 -21.85 -26.17
CA TYR C 396 -9.63 -21.83 -24.82
C TYR C 396 -8.78 -23.08 -24.57
N GLN C 397 -9.23 -24.23 -25.06
CA GLN C 397 -8.45 -25.45 -24.92
C GLN C 397 -7.16 -25.37 -25.73
N LYS C 398 -7.25 -24.90 -26.98
CA LYS C 398 -6.07 -24.81 -27.82
C LYS C 398 -5.00 -23.90 -27.21
N ALA C 399 -5.44 -22.84 -26.55
CA ALA C 399 -4.48 -21.94 -25.90
C ALA C 399 -3.73 -22.67 -24.78
N LEU C 400 -4.46 -23.41 -23.94
CA LEU C 400 -3.81 -24.13 -22.83
C LEU C 400 -2.90 -25.24 -23.35
N LEU C 401 -3.30 -25.90 -24.43
CA LEU C 401 -2.46 -26.96 -24.99
C LEU C 401 -1.18 -26.39 -25.59
N TYR C 402 -1.27 -25.22 -26.23
CA TYR C 402 -0.07 -24.55 -26.73
C TYR C 402 0.89 -24.20 -25.60
N LEU C 403 0.35 -23.62 -24.52
CA LEU C 403 1.18 -23.29 -23.37
C LEU C 403 1.75 -24.54 -22.71
N CYS C 404 1.04 -25.67 -22.82
CA CYS C 404 1.60 -26.92 -22.34
C CYS C 404 2.82 -27.33 -23.15
N GLY C 405 2.80 -27.08 -24.46
CA GLY C 405 3.93 -27.30 -25.33
C GLY C 405 3.87 -28.57 -26.14
N GLY C 406 3.21 -29.60 -25.63
CA GLY C 406 3.12 -30.85 -26.35
C GLY C 406 2.59 -31.95 -25.47
N ASP C 407 2.43 -33.13 -26.07
CA ASP C 407 1.91 -34.28 -25.37
C ASP C 407 3.03 -34.97 -24.59
N ASP C 408 2.65 -35.62 -23.49
CA ASP C 408 3.59 -36.14 -22.49
C ASP C 408 4.49 -35.03 -21.94
N ASN D 6 -19.77 -38.58 27.86
CA ASN D 6 -20.49 -39.78 27.44
C ASN D 6 -21.72 -40.00 28.32
N ARG D 7 -22.90 -39.79 27.76
CA ARG D 7 -24.15 -39.89 28.49
C ARG D 7 -24.74 -41.29 28.27
N ARG D 8 -24.81 -42.07 29.34
CA ARG D 8 -25.29 -43.44 29.31
C ARG D 8 -26.53 -43.58 30.18
N THR D 9 -27.55 -44.25 29.66
CA THR D 9 -28.79 -44.49 30.37
C THR D 9 -28.98 -45.98 30.54
N VAL D 10 -29.10 -46.43 31.79
CA VAL D 10 -29.13 -47.85 32.12
C VAL D 10 -30.38 -48.14 32.95
N THR D 11 -31.05 -49.25 32.65
CA THR D 11 -32.18 -49.71 33.43
C THR D 11 -31.73 -50.89 34.29
N LEU D 12 -31.84 -50.75 35.60
CA LEU D 12 -31.43 -51.78 36.54
C LEU D 12 -32.65 -52.50 37.11
N ARG D 13 -32.54 -53.81 37.26
CA ARG D 13 -33.55 -54.62 37.92
C ARG D 13 -33.08 -54.88 39.35
N ARG D 14 -33.81 -54.31 40.32
CA ARG D 14 -33.46 -54.49 41.73
C ARG D 14 -33.57 -55.96 42.09
N GLN D 15 -32.44 -56.58 42.40
CA GLN D 15 -32.36 -58.00 42.72
C GLN D 15 -32.37 -58.20 44.22
N PRO D 16 -32.79 -59.39 44.69
CA PRO D 16 -32.73 -59.66 46.14
C PRO D 16 -31.31 -59.60 46.69
N VAL D 17 -30.32 -59.99 45.89
CA VAL D 17 -28.93 -59.95 46.30
C VAL D 17 -28.35 -58.60 45.92
N GLY D 18 -28.07 -57.76 46.92
CA GLY D 18 -27.44 -56.47 46.71
C GLY D 18 -28.36 -55.34 46.30
N GLY D 19 -29.54 -55.64 45.75
CA GLY D 19 -30.44 -54.60 45.29
C GLY D 19 -30.02 -54.05 43.94
N LEU D 20 -29.56 -52.80 43.93
CA LEU D 20 -29.03 -52.18 42.72
C LEU D 20 -27.54 -52.41 42.54
N GLY D 21 -26.85 -52.92 43.56
CA GLY D 21 -25.45 -53.24 43.43
C GLY D 21 -24.54 -52.04 43.23
N LEU D 22 -24.88 -50.92 43.88
CA LEU D 22 -24.07 -49.72 43.74
C LEU D 22 -24.24 -48.85 44.98
N SER D 23 -23.23 -48.03 45.22
CA SER D 23 -23.26 -47.02 46.28
C SER D 23 -22.91 -45.66 45.69
N ILE D 24 -23.40 -44.60 46.32
CA ILE D 24 -23.16 -43.24 45.87
C ILE D 24 -22.60 -42.42 47.02
N LYS D 25 -21.88 -41.35 46.65
CA LYS D 25 -21.40 -40.36 47.61
C LYS D 25 -21.45 -38.99 46.96
N GLY D 26 -21.42 -37.96 47.80
CA GLY D 26 -21.49 -36.59 47.34
C GLY D 26 -22.90 -36.02 47.42
N GLY D 27 -23.08 -34.90 46.74
CA GLY D 27 -24.35 -34.19 46.75
C GLY D 27 -24.16 -32.70 46.89
N SER D 28 -25.22 -31.94 46.61
CA SER D 28 -25.12 -30.48 46.66
C SER D 28 -24.82 -29.98 48.07
N GLU D 29 -25.01 -30.82 49.10
CA GLU D 29 -24.59 -30.45 50.45
C GLU D 29 -23.09 -30.25 50.53
N HIS D 30 -22.33 -30.98 49.71
CA HIS D 30 -20.89 -30.82 49.62
C HIS D 30 -20.47 -29.95 48.44
N ASN D 31 -21.44 -29.38 47.72
CA ASN D 31 -21.20 -28.59 46.51
C ASN D 31 -20.47 -29.42 45.46
N VAL D 32 -20.81 -30.71 45.39
CA VAL D 32 -20.29 -31.61 44.36
C VAL D 32 -21.42 -32.48 43.85
N PRO D 33 -21.33 -32.92 42.59
CA PRO D 33 -22.39 -33.77 42.05
C PRO D 33 -22.44 -35.13 42.74
N VAL D 34 -23.63 -35.73 42.74
CA VAL D 34 -23.80 -37.07 43.27
C VAL D 34 -23.08 -38.05 42.34
N VAL D 35 -22.16 -38.83 42.89
CA VAL D 35 -21.28 -39.68 42.11
C VAL D 35 -21.38 -41.11 42.61
N ILE D 36 -21.08 -42.06 41.73
CA ILE D 36 -21.05 -43.46 42.12
C ILE D 36 -19.71 -43.74 42.78
N SER D 37 -19.75 -44.39 43.95
CA SER D 37 -18.55 -44.71 44.71
C SER D 37 -18.27 -46.20 44.80
N LYS D 38 -19.15 -47.05 44.26
CA LYS D 38 -18.98 -48.49 44.38
C LYS D 38 -19.88 -49.18 43.36
N ILE D 39 -19.30 -50.14 42.64
CA ILE D 39 -20.06 -51.10 41.85
C ILE D 39 -19.73 -52.47 42.42
N PHE D 40 -20.72 -53.10 43.06
CA PHE D 40 -20.50 -54.41 43.63
C PHE D 40 -20.42 -55.47 42.53
N GLU D 41 -19.49 -56.40 42.70
CA GLU D 41 -19.24 -57.40 41.66
C GLU D 41 -20.45 -58.30 41.45
N ASP D 42 -20.67 -58.67 40.20
CA ASP D 42 -21.67 -59.67 39.80
C ASP D 42 -23.09 -59.28 40.20
N GLN D 43 -23.35 -57.99 40.43
CA GLN D 43 -24.68 -57.54 40.80
C GLN D 43 -25.22 -56.60 39.71
N ALA D 44 -26.33 -55.93 40.03
CA ALA D 44 -27.15 -55.28 39.01
C ALA D 44 -26.36 -54.29 38.16
N ALA D 45 -25.72 -53.31 38.82
CA ALA D 45 -24.98 -52.30 38.06
C ALA D 45 -23.81 -52.91 37.31
N ASP D 46 -23.18 -53.95 37.86
CA ASP D 46 -22.02 -54.56 37.22
C ASP D 46 -22.42 -55.37 36.00
N GLN D 47 -23.63 -55.93 35.99
CA GLN D 47 -24.04 -56.81 34.88
C GLN D 47 -24.16 -56.03 33.57
N THR D 48 -24.69 -54.81 33.64
CA THR D 48 -24.90 -54.03 32.41
C THR D 48 -23.58 -53.64 31.77
N GLY D 49 -22.51 -53.54 32.55
CA GLY D 49 -21.24 -53.14 32.00
C GLY D 49 -21.12 -51.69 31.62
N MET D 50 -22.06 -50.84 32.06
CA MET D 50 -22.06 -49.44 31.67
C MET D 50 -21.97 -48.47 32.84
N LEU D 51 -22.00 -48.94 34.08
CA LEU D 51 -21.91 -48.09 35.26
C LEU D 51 -20.55 -48.27 35.92
N PHE D 52 -19.89 -47.15 36.21
CA PHE D 52 -18.54 -47.17 36.75
C PHE D 52 -18.44 -46.17 37.90
N VAL D 53 -17.54 -46.47 38.83
CA VAL D 53 -17.24 -45.52 39.91
C VAL D 53 -16.67 -44.26 39.30
N GLY D 54 -17.21 -43.11 39.72
CA GLY D 54 -16.85 -41.83 39.15
C GLY D 54 -17.88 -41.25 38.22
N ASP D 55 -18.94 -41.99 37.89
CA ASP D 55 -20.01 -41.48 37.05
C ASP D 55 -20.92 -40.57 37.87
N ALA D 56 -21.32 -39.45 37.26
CA ALA D 56 -22.18 -38.46 37.91
C ALA D 56 -23.64 -38.80 37.61
N VAL D 57 -24.41 -39.07 38.66
CA VAL D 57 -25.84 -39.36 38.49
C VAL D 57 -26.55 -38.10 38.04
N LEU D 58 -27.26 -38.19 36.92
CA LEU D 58 -27.97 -37.05 36.35
C LEU D 58 -29.49 -37.17 36.49
N GLN D 59 -30.04 -38.35 36.18
CA GLN D 59 -31.48 -38.57 36.27
C GLN D 59 -31.76 -39.95 36.84
N VAL D 60 -32.87 -40.05 37.56
CA VAL D 60 -33.34 -41.32 38.11
C VAL D 60 -34.82 -41.43 37.75
N ASN D 61 -35.16 -42.38 36.89
CA ASN D 61 -36.52 -42.53 36.36
C ASN D 61 -37.02 -41.22 35.75
N GLY D 62 -36.14 -40.54 35.02
CA GLY D 62 -36.47 -39.28 34.39
C GLY D 62 -36.47 -38.08 35.30
N ILE D 63 -36.28 -38.26 36.61
CA ILE D 63 -36.25 -37.14 37.54
C ILE D 63 -34.85 -36.55 37.56
N HIS D 64 -34.73 -35.29 37.18
CA HIS D 64 -33.44 -34.61 37.19
C HIS D 64 -32.94 -34.44 38.61
N VAL D 65 -31.67 -34.80 38.85
CA VAL D 65 -31.09 -34.75 40.19
C VAL D 65 -29.67 -34.19 40.14
N GLU D 66 -29.41 -33.30 39.17
CA GLU D 66 -28.06 -32.78 38.99
C GLU D 66 -27.63 -31.95 40.19
N ASN D 67 -28.54 -31.15 40.75
CA ASN D 67 -28.25 -30.29 41.89
C ASN D 67 -28.96 -30.79 43.14
N ALA D 68 -28.99 -32.09 43.35
CA ALA D 68 -29.68 -32.69 44.47
C ALA D 68 -28.70 -33.10 45.56
N THR D 69 -29.23 -33.26 46.78
CA THR D 69 -28.43 -33.69 47.91
C THR D 69 -28.23 -35.20 47.88
N HIS D 70 -27.54 -35.72 48.90
CA HIS D 70 -27.27 -37.15 48.95
C HIS D 70 -28.53 -37.94 49.33
N GLU D 71 -29.20 -37.53 50.41
CA GLU D 71 -30.41 -38.22 50.83
C GLU D 71 -31.50 -38.11 49.78
N GLU D 72 -31.47 -37.06 48.96
CA GLU D 72 -32.42 -36.93 47.86
C GLU D 72 -32.28 -38.08 46.89
N VAL D 73 -31.08 -38.25 46.32
CA VAL D 73 -30.87 -39.32 45.34
C VAL D 73 -31.01 -40.68 46.00
N VAL D 74 -30.69 -40.78 47.30
CA VAL D 74 -30.82 -42.06 47.99
C VAL D 74 -32.29 -42.48 48.03
N HIS D 75 -33.16 -41.60 48.53
CA HIS D 75 -34.58 -41.93 48.61
C HIS D 75 -35.18 -42.19 47.24
N LEU D 76 -34.71 -41.50 46.21
CA LEU D 76 -35.22 -41.75 44.87
C LEU D 76 -34.83 -43.14 44.38
N LEU D 77 -33.59 -43.55 44.65
CA LEU D 77 -33.15 -44.88 44.21
C LEU D 77 -33.84 -45.99 44.99
N ARG D 78 -34.29 -45.71 46.21
CA ARG D 78 -34.97 -46.70 47.02
C ARG D 78 -36.47 -46.79 46.72
N ASN D 79 -37.08 -45.72 46.23
CA ASN D 79 -38.50 -45.71 45.89
C ASN D 79 -38.77 -45.83 44.40
N ALA D 80 -37.74 -45.99 43.57
CA ALA D 80 -37.92 -46.04 42.13
C ALA D 80 -38.58 -47.32 41.65
N GLY D 81 -38.82 -48.29 42.54
CA GLY D 81 -39.44 -49.53 42.17
C GLY D 81 -38.44 -50.62 41.86
N ASP D 82 -38.92 -51.62 41.12
CA ASP D 82 -38.11 -52.78 40.75
C ASP D 82 -37.31 -52.56 39.47
N GLU D 83 -37.64 -51.53 38.69
CA GLU D 83 -36.88 -51.16 37.49
C GLU D 83 -36.47 -49.70 37.63
N VAL D 84 -35.20 -49.48 38.00
CA VAL D 84 -34.65 -48.15 38.15
C VAL D 84 -33.89 -47.79 36.88
N THR D 85 -34.14 -46.60 36.36
CA THR D 85 -33.47 -46.10 35.16
C THR D 85 -32.57 -44.94 35.55
N ILE D 86 -31.26 -45.12 35.40
CA ILE D 86 -30.26 -44.14 35.82
C ILE D 86 -29.59 -43.58 34.58
N THR D 87 -29.47 -42.26 34.53
CA THR D 87 -28.71 -41.58 33.48
C THR D 87 -27.47 -40.98 34.12
N VAL D 88 -26.29 -41.40 33.65
CA VAL D 88 -25.03 -40.98 34.23
C VAL D 88 -24.16 -40.35 33.14
N GLU D 89 -23.06 -39.73 33.59
CA GLU D 89 -22.07 -39.14 32.70
C GLU D 89 -20.78 -38.89 33.47
N TYR D 90 -19.65 -39.36 32.95
CA TYR D 90 -18.38 -39.19 33.66
C TYR D 90 -17.94 -37.74 33.60
N LEU D 91 -17.55 -37.19 34.75
CA LEU D 91 -17.10 -35.80 34.83
C LEU D 91 -15.63 -35.71 35.25
N THR D 100 -6.62 -24.82 26.56
CA THR D 100 -7.09 -23.52 27.02
C THR D 100 -6.50 -22.41 26.15
N ASN D 101 -5.52 -22.77 25.32
CA ASN D 101 -4.95 -21.80 24.40
C ASN D 101 -5.92 -21.51 23.27
N PHE D 102 -5.71 -20.36 22.63
CA PHE D 102 -6.66 -19.88 21.62
C PHE D 102 -6.65 -20.78 20.39
N ASP D 103 -7.84 -21.18 19.96
CA ASP D 103 -8.03 -22.02 18.78
C ASP D 103 -9.18 -21.41 17.98
N ALA D 104 -8.84 -20.59 16.98
CA ALA D 104 -9.87 -19.94 16.17
C ALA D 104 -10.74 -20.96 15.45
N GLU D 105 -10.17 -22.11 15.07
CA GLU D 105 -10.97 -23.14 14.42
C GLU D 105 -12.00 -23.74 15.38
N ARG D 106 -11.58 -24.03 16.61
CA ARG D 106 -12.50 -24.60 17.59
C ARG D 106 -13.61 -23.61 17.93
N ASP D 107 -13.26 -22.32 18.06
CA ASP D 107 -14.27 -21.32 18.37
C ASP D 107 -15.25 -21.12 17.22
N ALA D 108 -14.75 -21.14 15.98
CA ALA D 108 -15.64 -21.02 14.83
C ALA D 108 -16.59 -22.21 14.77
N LEU D 109 -16.12 -23.40 15.14
CA LEU D 109 -17.01 -24.56 15.20
C LEU D 109 -18.03 -24.42 16.31
N ASN D 110 -17.60 -23.98 17.50
CA ASN D 110 -18.53 -23.85 18.61
C ASN D 110 -19.54 -22.74 18.38
N ILE D 111 -19.14 -21.67 17.69
CA ILE D 111 -20.09 -20.60 17.40
C ILE D 111 -21.11 -21.06 16.36
N GLU D 112 -20.67 -21.84 15.37
CA GLU D 112 -21.62 -22.37 14.40
C GLU D 112 -22.61 -23.32 15.07
N THR D 113 -22.13 -24.14 16.01
CA THR D 113 -23.03 -25.03 16.74
C THR D 113 -24.04 -24.24 17.56
N ALA D 114 -23.59 -23.14 18.18
CA ALA D 114 -24.50 -22.30 18.95
C ALA D 114 -25.53 -21.62 18.06
N ILE D 115 -25.12 -21.23 16.85
CA ILE D 115 -26.06 -20.62 15.92
C ILE D 115 -27.06 -21.66 15.42
N LYS D 116 -26.57 -22.85 15.07
CA LYS D 116 -27.44 -23.87 14.49
C LYS D 116 -28.35 -24.53 15.53
N THR D 117 -28.06 -24.34 16.82
CA THR D 117 -28.93 -24.89 17.85
C THR D 117 -30.29 -24.20 17.80
N LYS D 118 -31.36 -24.99 17.86
CA LYS D 118 -32.71 -24.43 17.84
C LYS D 118 -32.90 -23.48 19.02
N GLY D 119 -33.30 -22.25 18.72
CA GLY D 119 -33.39 -21.21 19.73
C GLY D 119 -32.13 -20.40 19.92
N VAL D 120 -31.01 -20.84 19.33
CA VAL D 120 -29.71 -20.17 19.39
C VAL D 120 -29.16 -20.21 20.81
N ASP D 121 -27.91 -20.67 20.94
CA ASP D 121 -27.22 -20.72 22.23
C ASP D 121 -26.45 -19.42 22.40
N GLU D 122 -27.12 -18.40 22.93
CA GLU D 122 -26.47 -17.10 23.11
C GLU D 122 -25.39 -17.14 24.18
N VAL D 123 -25.57 -18.00 25.20
CA VAL D 123 -24.60 -18.06 26.30
C VAL D 123 -23.23 -18.48 25.78
N THR D 124 -23.20 -19.44 24.84
CA THR D 124 -21.93 -19.86 24.27
C THR D 124 -21.34 -18.79 23.37
N ILE D 125 -22.18 -18.13 22.56
CA ILE D 125 -21.70 -17.05 21.71
C ILE D 125 -21.11 -15.93 22.55
N VAL D 126 -21.77 -15.58 23.65
CA VAL D 126 -21.27 -14.51 24.51
C VAL D 126 -20.01 -14.95 25.24
N ASN D 127 -19.98 -16.19 25.73
CA ASN D 127 -18.82 -16.67 26.48
C ASN D 127 -17.55 -16.58 25.64
N ILE D 128 -17.64 -16.85 24.35
CA ILE D 128 -16.46 -16.86 23.49
C ILE D 128 -16.08 -15.44 23.08
N LEU D 129 -16.98 -14.77 22.36
CA LEU D 129 -16.62 -13.52 21.68
C LEU D 129 -16.24 -12.41 22.67
N THR D 130 -16.96 -12.31 23.79
CA THR D 130 -16.63 -11.28 24.78
C THR D 130 -15.39 -11.62 25.60
N ASN D 131 -14.82 -12.81 25.43
CA ASN D 131 -13.59 -13.22 26.11
C ASN D 131 -12.49 -13.51 25.11
N ARG D 132 -12.52 -12.84 23.96
CA ARG D 132 -11.46 -12.90 22.96
C ARG D 132 -11.04 -11.48 22.60
N SER D 133 -9.76 -11.29 22.34
CA SER D 133 -9.30 -10.00 21.85
C SER D 133 -9.89 -9.72 20.47
N ASN D 134 -9.80 -8.45 20.06
CA ASN D 134 -10.30 -8.08 18.75
C ASN D 134 -9.60 -8.84 17.64
N GLU D 135 -8.27 -9.01 17.77
CA GLU D 135 -7.52 -9.76 16.77
C GLU D 135 -7.95 -11.22 16.73
N GLN D 136 -8.29 -11.79 17.88
CA GLN D 136 -8.77 -13.18 17.90
C GLN D 136 -10.14 -13.31 17.25
N ARG D 137 -10.99 -12.28 17.37
CA ARG D 137 -12.28 -12.32 16.69
C ARG D 137 -12.11 -12.26 15.18
N GLN D 138 -11.10 -11.54 14.70
CA GLN D 138 -10.82 -11.54 13.26
C GLN D 138 -10.37 -12.92 12.80
N ASP D 139 -9.53 -13.59 13.61
CA ASP D 139 -9.18 -14.97 13.32
C ASP D 139 -10.41 -15.87 13.27
N ILE D 140 -11.33 -15.69 14.22
CA ILE D 140 -12.55 -16.49 14.24
C ILE D 140 -13.41 -16.19 13.02
N ALA D 141 -13.49 -14.92 12.62
CA ALA D 141 -14.30 -14.55 11.47
C ALA D 141 -13.76 -15.17 10.18
N PHE D 142 -12.44 -15.22 10.04
CA PHE D 142 -11.85 -15.87 8.86
C PHE D 142 -12.13 -17.37 8.87
N ALA D 143 -11.92 -18.02 10.02
CA ALA D 143 -12.15 -19.46 10.11
C ALA D 143 -13.61 -19.80 9.86
N TYR D 144 -14.53 -18.96 10.34
CA TYR D 144 -15.96 -19.22 10.13
C TYR D 144 -16.32 -19.14 8.66
N GLN D 145 -15.74 -18.19 7.93
CA GLN D 145 -16.02 -18.07 6.50
C GLN D 145 -15.38 -19.21 5.72
N ARG D 146 -14.15 -19.60 6.08
CA ARG D 146 -13.52 -20.73 5.40
C ARG D 146 -14.31 -22.01 5.62
N ARG D 147 -14.88 -22.18 6.81
CA ARG D 147 -15.56 -23.43 7.15
C ARG D 147 -16.97 -23.47 6.60
N THR D 148 -17.73 -22.39 6.77
CA THR D 148 -19.15 -22.38 6.45
C THR D 148 -19.47 -21.70 5.11
N LYS D 149 -18.51 -20.96 4.54
CA LYS D 149 -18.69 -20.21 3.31
C LYS D 149 -19.69 -19.07 3.45
N LYS D 150 -20.03 -18.68 4.67
CA LYS D 150 -20.90 -17.55 4.92
C LYS D 150 -20.24 -16.61 5.92
N GLU D 151 -20.60 -15.33 5.84
CA GLU D 151 -19.99 -14.33 6.70
C GLU D 151 -20.47 -14.50 8.13
N LEU D 152 -19.53 -14.43 9.08
CA LEU D 152 -19.88 -14.62 10.48
C LEU D 152 -20.77 -13.50 11.00
N ALA D 153 -20.44 -12.25 10.68
CA ALA D 153 -21.24 -11.12 11.17
C ALA D 153 -22.67 -11.20 10.65
N SER D 154 -22.85 -11.69 9.41
CA SER D 154 -24.18 -11.83 8.87
C SER D 154 -24.93 -12.99 9.52
N ALA D 155 -24.22 -14.06 9.88
CA ALA D 155 -24.87 -15.19 10.53
C ALA D 155 -25.35 -14.83 11.93
N LEU D 156 -24.53 -14.07 12.67
CA LEU D 156 -24.93 -13.65 14.01
C LEU D 156 -25.99 -12.56 13.97
N LYS D 157 -26.00 -11.75 12.91
CA LYS D 157 -27.04 -10.73 12.77
C LYS D 157 -28.42 -11.34 12.67
N SER D 158 -28.52 -12.53 12.07
CA SER D 158 -29.81 -13.21 11.98
C SER D 158 -30.11 -14.03 13.23
N ALA D 159 -29.08 -14.56 13.89
CA ALA D 159 -29.29 -15.39 15.07
C ALA D 159 -29.57 -14.58 16.32
N LEU D 160 -29.20 -13.31 16.35
CA LEU D 160 -29.35 -12.47 17.53
C LEU D 160 -30.35 -11.35 17.26
N SER D 161 -30.69 -10.64 18.32
CA SER D 161 -31.65 -9.54 18.23
C SER D 161 -31.46 -8.62 19.42
N GLY D 162 -32.07 -7.43 19.33
CA GLY D 162 -32.09 -6.48 20.43
C GLY D 162 -30.72 -5.92 20.77
N HIS D 163 -30.52 -5.69 22.08
CA HIS D 163 -29.28 -5.08 22.56
C HIS D 163 -28.09 -6.04 22.43
N LEU D 164 -28.31 -7.34 22.61
CA LEU D 164 -27.21 -8.29 22.50
C LEU D 164 -26.66 -8.31 21.08
N GLU D 165 -27.54 -8.18 20.08
CA GLU D 165 -27.07 -8.16 18.70
C GLU D 165 -26.16 -6.97 18.45
N THR D 166 -26.48 -5.82 19.05
CA THR D 166 -25.66 -4.63 18.87
C THR D 166 -24.27 -4.82 19.49
N VAL D 167 -24.20 -5.48 20.64
CA VAL D 167 -22.91 -5.69 21.31
C VAL D 167 -22.02 -6.61 20.49
N ILE D 168 -22.57 -7.75 20.07
CA ILE D 168 -21.76 -8.76 19.40
C ILE D 168 -21.27 -8.25 18.04
N LEU D 169 -22.17 -7.65 17.26
CA LEU D 169 -21.78 -7.16 15.94
C LEU D 169 -20.72 -6.06 16.03
N GLY D 170 -20.80 -5.21 17.06
CA GLY D 170 -19.80 -4.19 17.24
C GLY D 170 -18.45 -4.76 17.64
N LEU D 171 -18.45 -5.82 18.44
CA LEU D 171 -17.20 -6.46 18.84
C LEU D 171 -16.50 -7.13 17.66
N LEU D 172 -17.27 -7.55 16.65
CA LEU D 172 -16.67 -8.24 15.50
C LEU D 172 -15.91 -7.29 14.59
N LYS D 173 -16.23 -6.00 14.60
CA LYS D 173 -15.53 -5.05 13.77
C LYS D 173 -14.20 -4.64 14.41
N THR D 174 -13.23 -4.32 13.57
CA THR D 174 -11.99 -3.76 14.05
C THR D 174 -12.26 -2.40 14.69
N PRO D 175 -11.35 -1.91 15.55
CA PRO D 175 -11.55 -0.58 16.15
C PRO D 175 -11.83 0.52 15.14
N ALA D 176 -11.15 0.52 14.00
CA ALA D 176 -11.39 1.56 13.00
C ALA D 176 -12.71 1.33 12.27
N GLN D 177 -13.06 0.07 11.99
CA GLN D 177 -14.33 -0.20 11.33
C GLN D 177 -15.51 0.12 12.24
N TYR D 178 -15.37 -0.10 13.54
CA TYR D 178 -16.46 0.19 14.47
C TYR D 178 -16.65 1.70 14.61
N ASP D 179 -15.56 2.44 14.83
CA ASP D 179 -15.67 3.88 14.96
C ASP D 179 -16.19 4.52 13.67
N ALA D 180 -15.76 3.99 12.52
CA ALA D 180 -16.21 4.54 11.24
C ALA D 180 -17.70 4.29 11.02
N SER D 181 -18.18 3.10 11.37
CA SER D 181 -19.60 2.79 11.20
C SER D 181 -20.45 3.59 12.17
N GLU D 182 -19.97 3.77 13.40
CA GLU D 182 -20.69 4.61 14.35
C GLU D 182 -20.73 6.05 13.89
N LEU D 183 -19.64 6.52 13.26
CA LEU D 183 -19.64 7.85 12.66
C LEU D 183 -20.62 7.91 11.49
N LYS D 184 -20.61 6.89 10.64
CA LYS D 184 -21.56 6.85 9.52
C LYS D 184 -22.99 6.82 10.03
N ALA D 185 -23.23 6.10 11.13
CA ALA D 185 -24.58 6.03 11.69
C ALA D 185 -25.00 7.37 12.29
N SER D 186 -24.08 8.05 12.97
CA SER D 186 -24.41 9.34 13.57
C SER D 186 -24.74 10.39 12.53
N MET D 187 -24.25 10.23 11.30
CA MET D 187 -24.54 11.17 10.22
C MET D 187 -25.59 10.64 9.24
N LYS D 188 -25.74 9.32 9.12
CA LYS D 188 -26.84 8.78 8.34
C LYS D 188 -28.17 9.19 8.96
N GLY D 189 -29.20 9.27 8.12
CA GLY D 189 -30.46 9.83 8.55
C GLY D 189 -30.35 11.35 8.62
N LEU D 190 -31.41 12.04 8.17
CA LEU D 190 -31.33 13.49 8.06
C LEU D 190 -31.20 14.20 9.40
N GLY D 191 -31.36 13.49 10.51
CA GLY D 191 -31.13 14.05 11.82
C GLY D 191 -29.77 13.59 12.36
N THR D 192 -28.92 14.57 12.65
CA THR D 192 -27.57 14.27 13.11
C THR D 192 -27.57 13.92 14.60
N ASP D 193 -26.89 12.83 14.96
CA ASP D 193 -26.68 12.46 16.36
C ASP D 193 -25.36 13.10 16.79
N GLU D 194 -25.44 14.34 17.27
CA GLU D 194 -24.23 15.08 17.62
C GLU D 194 -23.49 14.42 18.78
N ASP D 195 -24.20 13.76 19.68
CA ASP D 195 -23.55 13.19 20.86
C ASP D 195 -22.56 12.10 20.47
N SER D 196 -22.97 11.19 19.59
CA SER D 196 -22.06 10.12 19.16
C SER D 196 -20.92 10.68 18.30
N LEU D 197 -21.24 11.67 17.45
CA LEU D 197 -20.20 12.32 16.66
C LEU D 197 -19.18 13.01 17.55
N ILE D 198 -19.66 13.70 18.59
CA ILE D 198 -18.75 14.41 19.50
C ILE D 198 -17.92 13.41 20.31
N GLU D 199 -18.55 12.33 20.78
CA GLU D 199 -17.83 11.37 21.62
C GLU D 199 -16.64 10.75 20.89
N ILE D 200 -16.83 10.40 19.63
CA ILE D 200 -15.77 9.72 18.89
C ILE D 200 -14.68 10.68 18.44
N ILE D 201 -15.09 11.83 17.90
CA ILE D 201 -14.12 12.76 17.32
C ILE D 201 -13.28 13.40 18.42
N CYS D 202 -13.87 13.68 19.59
CA CYS D 202 -13.14 14.36 20.66
C CYS D 202 -12.25 13.43 21.46
N SER D 203 -12.52 12.12 21.47
CA SER D 203 -11.80 11.19 22.32
C SER D 203 -10.77 10.33 21.61
N ARG D 204 -10.75 10.33 20.28
CA ARG D 204 -9.83 9.48 19.53
C ARG D 204 -8.53 10.24 19.27
N THR D 205 -7.42 9.51 19.31
CA THR D 205 -6.10 10.09 19.16
C THR D 205 -5.75 10.29 17.68
N ASN D 206 -4.58 10.88 17.44
CA ASN D 206 -4.08 11.03 16.08
C ASN D 206 -3.97 9.69 15.38
N GLN D 207 -3.37 8.70 16.06
CA GLN D 207 -3.19 7.38 15.46
C GLN D 207 -4.54 6.78 15.08
N GLU D 208 -5.52 6.87 15.98
CA GLU D 208 -6.82 6.27 15.73
C GLU D 208 -7.57 7.00 14.64
N LEU D 209 -7.55 8.34 14.66
CA LEU D 209 -8.25 9.12 13.65
C LEU D 209 -7.64 8.92 12.26
N GLN D 210 -6.33 8.74 12.18
CA GLN D 210 -5.70 8.49 10.88
C GLN D 210 -6.17 7.15 10.31
N GLU D 211 -6.36 6.16 11.16
CA GLU D 211 -6.87 4.87 10.69
C GLU D 211 -8.36 4.94 10.38
N ILE D 212 -9.10 5.70 11.18
CA ILE D 212 -10.54 5.88 10.93
C ILE D 212 -10.76 6.54 9.58
N ASN D 213 -9.99 7.60 9.30
CA ASN D 213 -10.13 8.28 8.01
C ASN D 213 -9.84 7.35 6.85
N ARG D 214 -8.83 6.48 6.99
CA ARG D 214 -8.52 5.53 5.93
C ARG D 214 -9.63 4.50 5.78
N VAL D 215 -10.06 3.91 6.90
CA VAL D 215 -11.07 2.87 6.83
C VAL D 215 -12.44 3.44 6.46
N TYR D 216 -12.72 4.69 6.86
CA TYR D 216 -13.99 5.31 6.48
C TYR D 216 -14.10 5.42 4.97
N LYS D 217 -13.02 5.84 4.30
CA LYS D 217 -13.08 6.03 2.85
C LYS D 217 -13.27 4.71 2.12
N GLU D 218 -12.57 3.66 2.54
CA GLU D 218 -12.68 2.38 1.88
C GLU D 218 -14.03 1.70 2.11
N MET D 219 -14.73 2.05 3.20
CA MET D 219 -16.04 1.46 3.45
C MET D 219 -17.16 2.20 2.71
N TYR D 220 -17.12 3.53 2.69
CA TYR D 220 -18.24 4.32 2.19
C TYR D 220 -17.90 5.18 0.98
N LYS D 221 -16.71 5.03 0.41
CA LYS D 221 -16.20 5.68 -0.81
C LYS D 221 -16.17 7.20 -0.72
N THR D 222 -16.49 7.80 0.42
CA THR D 222 -16.38 9.24 0.62
C THR D 222 -15.45 9.51 1.79
N ASP D 223 -14.83 10.69 1.79
CA ASP D 223 -13.97 11.08 2.90
C ASP D 223 -14.82 11.45 4.12
N LEU D 224 -14.32 11.09 5.30
CA LEU D 224 -15.03 11.43 6.54
C LEU D 224 -15.24 12.94 6.65
N GLU D 225 -14.22 13.72 6.29
CA GLU D 225 -14.31 15.17 6.40
C GLU D 225 -15.45 15.72 5.54
N LYS D 226 -15.69 15.11 4.38
CA LYS D 226 -16.76 15.60 3.51
C LYS D 226 -18.14 15.28 4.08
N ASP D 227 -18.27 14.13 4.76
CA ASP D 227 -19.54 13.81 5.41
C ASP D 227 -19.79 14.70 6.62
N ILE D 228 -18.74 15.11 7.32
CA ILE D 228 -18.89 16.02 8.45
C ILE D 228 -19.33 17.40 7.97
N ILE D 229 -18.72 17.88 6.89
CA ILE D 229 -19.09 19.18 6.33
C ILE D 229 -20.55 19.19 5.89
N SER D 230 -21.03 18.05 5.37
CA SER D 230 -22.39 17.96 4.86
C SER D 230 -23.44 17.92 5.97
N ASP D 231 -23.08 17.44 7.17
CA ASP D 231 -24.04 17.28 8.25
C ASP D 231 -23.89 18.28 9.38
N THR D 232 -22.90 19.16 9.33
CA THR D 232 -22.69 20.16 10.37
C THR D 232 -22.53 21.53 9.72
N SER D 233 -22.52 22.57 10.56
CA SER D 233 -22.39 23.94 10.07
C SER D 233 -21.88 24.81 11.20
N GLY D 234 -21.50 26.04 10.85
CA GLY D 234 -21.06 27.01 11.83
C GLY D 234 -19.74 26.62 12.49
N ASP D 235 -19.54 27.16 13.69
CA ASP D 235 -18.32 26.88 14.43
C ASP D 235 -18.25 25.42 14.87
N PHE D 236 -19.41 24.76 15.01
CA PHE D 236 -19.40 23.34 15.36
C PHE D 236 -18.73 22.52 14.26
N ARG D 237 -19.04 22.83 12.99
CA ARG D 237 -18.37 22.17 11.88
C ARG D 237 -16.87 22.43 11.89
N LYS D 238 -16.47 23.68 12.13
CA LYS D 238 -15.06 24.02 12.11
C LYS D 238 -14.29 23.25 13.17
N LEU D 239 -14.91 23.02 14.34
CA LEU D 239 -14.24 22.27 15.39
C LEU D 239 -14.18 20.78 15.06
N MET D 240 -15.27 20.24 14.51
CA MET D 240 -15.30 18.81 14.18
C MET D 240 -14.31 18.50 13.05
N VAL D 241 -14.31 19.30 11.99
CA VAL D 241 -13.39 19.08 10.88
C VAL D 241 -11.95 19.19 11.36
N ALA D 242 -11.65 20.18 12.20
CA ALA D 242 -10.29 20.36 12.69
C ALA D 242 -9.85 19.17 13.54
N LEU D 243 -10.72 18.73 14.45
CA LEU D 243 -10.39 17.60 15.31
C LEU D 243 -10.23 16.33 14.49
N ALA D 244 -11.17 16.07 13.56
CA ALA D 244 -11.17 14.81 12.82
C ALA D 244 -9.95 14.66 11.92
N LYS D 245 -9.23 15.76 11.64
CA LYS D 245 -8.01 15.65 10.84
C LYS D 245 -6.95 14.82 11.54
N GLY D 246 -6.96 14.79 12.87
CA GLY D 246 -6.00 13.98 13.60
C GLY D 246 -4.56 14.40 13.40
N ARG D 247 -4.31 15.70 13.29
CA ARG D 247 -2.97 16.24 13.16
C ARG D 247 -2.66 17.18 14.32
N ARG D 248 -3.13 16.81 15.50
CA ARG D 248 -2.72 17.48 16.73
C ARG D 248 -1.23 17.24 16.97
N ALA D 249 -0.56 18.25 17.52
CA ALA D 249 0.87 18.14 17.81
C ALA D 249 1.12 17.00 18.79
N GLU D 250 2.10 16.15 18.47
CA GLU D 250 2.50 15.10 19.39
C GLU D 250 3.28 15.70 20.54
N ASP D 251 3.16 15.06 21.72
CA ASP D 251 3.82 15.57 22.90
C ASP D 251 5.34 15.51 22.74
N GLY D 252 6.01 16.63 23.03
CA GLY D 252 7.44 16.72 22.91
C GLY D 252 8.14 16.55 24.26
N SER D 253 9.45 16.41 24.18
CA SER D 253 10.26 16.27 25.39
C SER D 253 10.39 17.57 26.17
N VAL D 254 10.05 18.70 25.58
CA VAL D 254 10.20 20.01 26.22
C VAL D 254 8.83 20.53 26.65
N ILE D 255 8.78 21.16 27.82
CA ILE D 255 7.58 21.80 28.31
C ILE D 255 7.70 23.28 27.99
N ASP D 256 6.85 23.77 27.10
CA ASP D 256 6.92 25.16 26.62
C ASP D 256 6.13 26.05 27.58
N TYR D 257 6.81 26.46 28.65
CA TYR D 257 6.15 27.26 29.68
C TYR D 257 5.69 28.60 29.15
N GLU D 258 6.50 29.22 28.27
CA GLU D 258 6.10 30.51 27.70
C GLU D 258 4.83 30.38 26.87
N LEU D 259 4.73 29.32 26.07
CA LEU D 259 3.52 29.11 25.28
C LEU D 259 2.35 28.69 26.15
N ILE D 260 2.61 28.00 27.26
CA ILE D 260 1.55 27.63 28.19
C ILE D 260 0.86 28.88 28.74
N ASP D 261 1.66 29.85 29.19
CA ASP D 261 1.10 31.09 29.71
C ASP D 261 0.40 31.88 28.60
N GLN D 262 1.00 31.93 27.42
CA GLN D 262 0.41 32.71 26.33
C GLN D 262 -0.89 32.10 25.84
N ASP D 263 -0.98 30.76 25.82
CA ASP D 263 -2.22 30.10 25.43
C ASP D 263 -3.31 30.34 26.46
N ALA D 264 -2.94 30.37 27.74
CA ALA D 264 -3.92 30.64 28.79
C ALA D 264 -4.48 32.05 28.66
N ARG D 265 -3.61 33.04 28.43
CA ARG D 265 -4.07 34.41 28.23
C ARG D 265 -4.99 34.49 27.01
N ASP D 266 -4.59 33.86 25.91
CA ASP D 266 -5.38 33.92 24.69
C ASP D 266 -6.76 33.29 24.90
N LEU D 267 -6.82 32.20 25.66
CA LEU D 267 -8.12 31.60 25.97
C LEU D 267 -8.98 32.54 26.79
N TYR D 268 -8.37 33.22 27.77
CA TYR D 268 -9.14 34.15 28.60
C TYR D 268 -9.51 35.40 27.81
N ASP D 269 -8.58 35.95 27.04
CA ASP D 269 -8.85 37.15 26.26
C ASP D 269 -9.91 36.92 25.19
N ALA D 270 -10.10 35.67 24.76
CA ALA D 270 -11.03 35.35 23.68
C ALA D 270 -12.40 34.95 24.20
N GLY D 271 -12.59 34.85 25.51
CA GLY D 271 -13.86 34.40 26.05
C GLY D 271 -14.41 35.24 27.19
N VAL D 272 -14.02 34.89 28.42
CA VAL D 272 -14.62 35.50 29.60
C VAL D 272 -14.32 36.99 29.69
N LYS D 273 -13.13 37.40 29.21
CA LYS D 273 -12.71 38.78 29.37
C LYS D 273 -13.48 39.75 28.48
N ARG D 274 -14.09 39.26 27.40
CA ARG D 274 -14.68 40.14 26.39
C ARG D 274 -16.15 39.78 26.16
N LYS D 275 -16.89 40.75 25.64
CA LYS D 275 -18.23 40.48 25.13
C LYS D 275 -18.16 39.56 23.93
N GLY D 276 -18.95 38.50 23.95
CA GLY D 276 -18.91 37.52 22.89
C GLY D 276 -17.72 36.58 23.06
N THR D 277 -17.40 35.87 21.97
CA THR D 277 -16.35 34.88 22.02
C THR D 277 -15.62 34.83 20.68
N ASP D 278 -14.28 34.76 20.75
CA ASP D 278 -13.46 34.47 19.58
C ASP D 278 -13.32 32.96 19.48
N VAL D 279 -14.37 32.33 18.96
CA VAL D 279 -14.39 30.87 18.85
C VAL D 279 -13.23 30.33 18.03
N PRO D 280 -12.84 30.92 16.88
CA PRO D 280 -11.66 30.39 16.17
C PRO D 280 -10.40 30.34 17.00
N LYS D 281 -10.20 31.29 17.92
CA LYS D 281 -9.04 31.24 18.80
C LYS D 281 -9.12 30.03 19.73
N TRP D 282 -10.30 29.71 20.24
CA TRP D 282 -10.47 28.51 21.04
C TRP D 282 -10.22 27.26 20.21
N ILE D 283 -10.73 27.24 18.98
CA ILE D 283 -10.57 26.07 18.13
C ILE D 283 -9.09 25.82 17.82
N SER D 284 -8.35 26.88 17.51
CA SER D 284 -6.94 26.73 17.18
C SER D 284 -6.16 26.11 18.33
N ILE D 285 -6.31 26.68 19.54
CA ILE D 285 -5.48 26.25 20.66
C ILE D 285 -5.85 24.84 21.13
N MET D 286 -7.14 24.54 21.20
CA MET D 286 -7.57 23.27 21.77
C MET D 286 -7.45 22.10 20.79
N THR D 287 -7.16 22.34 19.51
CA THR D 287 -7.00 21.27 18.55
C THR D 287 -5.58 21.09 18.05
N GLU D 288 -4.75 22.13 18.11
CA GLU D 288 -3.38 22.05 17.61
C GLU D 288 -2.40 21.60 18.69
N ARG D 289 -2.51 22.14 19.90
CA ARG D 289 -1.56 21.86 20.95
C ARG D 289 -1.68 20.42 21.43
N SER D 290 -0.58 19.87 21.92
CA SER D 290 -0.58 18.51 22.43
C SER D 290 -1.45 18.42 23.68
N VAL D 291 -1.84 17.18 24.01
CA VAL D 291 -2.66 16.96 25.20
C VAL D 291 -1.94 17.35 26.48
N PRO D 292 -0.69 16.92 26.73
CA PRO D 292 -0.02 17.37 27.97
C PRO D 292 0.15 18.88 28.05
N HIS D 293 0.45 19.55 26.94
CA HIS D 293 0.55 21.00 26.94
C HIS D 293 -0.77 21.64 27.32
N LEU D 294 -1.87 21.16 26.73
CA LEU D 294 -3.18 21.74 27.02
C LEU D 294 -3.60 21.49 28.46
N GLN D 295 -3.13 20.39 29.07
CA GLN D 295 -3.42 20.17 30.48
C GLN D 295 -2.78 21.25 31.35
N LYS D 296 -1.58 21.69 30.98
CA LYS D 296 -0.94 22.77 31.72
C LYS D 296 -1.51 24.13 31.37
N VAL D 297 -2.03 24.28 30.14
CA VAL D 297 -2.71 25.52 29.78
C VAL D 297 -4.00 25.67 30.59
N PHE D 298 -4.73 24.58 30.78
CA PHE D 298 -5.99 24.66 31.52
C PHE D 298 -5.78 24.98 32.99
N ASP D 299 -4.66 24.54 33.57
CA ASP D 299 -4.35 24.93 34.93
C ASP D 299 -3.84 26.36 35.00
N ARG D 300 -3.02 26.77 34.03
CA ARG D 300 -2.58 28.16 33.95
C ARG D 300 -3.74 29.09 33.65
N TYR D 301 -4.75 28.60 32.93
CA TYR D 301 -5.93 29.42 32.65
C TYR D 301 -6.66 29.82 33.92
N LYS D 302 -6.65 28.97 34.95
CA LYS D 302 -7.29 29.31 36.21
C LYS D 302 -6.54 30.38 36.98
N SER D 303 -5.33 30.74 36.55
CA SER D 303 -4.62 31.86 37.17
C SER D 303 -5.12 33.20 36.67
N TYR D 304 -5.67 33.25 35.46
CA TYR D 304 -6.21 34.48 34.89
C TYR D 304 -7.72 34.57 35.02
N SER D 305 -8.43 33.46 35.02
CA SER D 305 -9.87 33.46 34.96
C SER D 305 -10.48 33.05 36.30
N PRO D 306 -11.57 33.70 36.72
CA PRO D 306 -12.26 33.25 37.94
C PRO D 306 -12.97 31.93 37.77
N TYR D 307 -13.23 31.50 36.54
CA TYR D 307 -13.83 30.22 36.24
C TYR D 307 -12.84 29.35 35.49
N ASP D 308 -12.94 28.04 35.67
CA ASP D 308 -12.04 27.14 34.95
C ASP D 308 -12.50 26.99 33.50
N MET D 309 -11.82 26.13 32.75
CA MET D 309 -12.13 25.97 31.33
C MET D 309 -13.55 25.45 31.13
N LEU D 310 -13.95 24.45 31.91
CA LEU D 310 -15.28 23.87 31.76
C LEU D 310 -16.37 24.90 32.08
N GLU D 311 -16.20 25.63 33.19
CA GLU D 311 -17.17 26.66 33.56
C GLU D 311 -17.20 27.78 32.53
N SER D 312 -16.03 28.14 31.98
CA SER D 312 -16.00 29.19 30.96
C SER D 312 -16.78 28.78 29.72
N ILE D 313 -16.66 27.52 29.33
CA ILE D 313 -17.35 27.04 28.13
C ILE D 313 -18.87 27.16 28.30
N ARG D 314 -19.38 26.76 29.46
CA ARG D 314 -20.82 26.81 29.70
C ARG D 314 -21.35 28.25 29.65
N LYS D 315 -20.53 29.22 30.05
CA LYS D 315 -20.95 30.61 30.06
C LYS D 315 -20.71 31.32 28.73
N GLU D 316 -19.82 30.81 27.90
CA GLU D 316 -19.46 31.49 26.65
C GLU D 316 -20.26 30.98 25.45
N VAL D 317 -20.45 29.67 25.32
CA VAL D 317 -21.08 29.08 24.15
C VAL D 317 -22.22 28.18 24.60
N LYS D 318 -23.12 27.89 23.65
CA LYS D 318 -24.30 27.08 23.88
C LYS D 318 -24.40 26.01 22.79
N GLY D 319 -25.40 25.14 22.92
CA GLY D 319 -25.74 24.20 21.86
C GLY D 319 -24.67 23.14 21.63
N ASP D 320 -24.60 22.67 20.38
CA ASP D 320 -23.65 21.61 20.03
C ASP D 320 -22.22 22.07 20.23
N LEU D 321 -21.94 23.34 19.93
CA LEU D 321 -20.59 23.87 20.13
C LEU D 321 -20.17 23.76 21.59
N GLU D 322 -21.08 24.09 22.52
CA GLU D 322 -20.78 23.96 23.94
C GLU D 322 -20.55 22.51 24.32
N ASN D 323 -21.44 21.61 23.87
CA ASN D 323 -21.29 20.21 24.19
C ASN D 323 -19.97 19.64 23.66
N ALA D 324 -19.53 20.12 22.50
CA ALA D 324 -18.28 19.64 21.93
C ALA D 324 -17.09 20.09 22.76
N PHE D 325 -17.02 21.38 23.09
CA PHE D 325 -15.92 21.89 23.90
C PHE D 325 -15.88 21.22 25.27
N LEU D 326 -17.06 20.91 25.84
CA LEU D 326 -17.08 20.24 27.14
C LEU D 326 -16.50 18.84 27.05
N ASN D 327 -16.89 18.08 26.02
CA ASN D 327 -16.33 16.74 25.84
C ASN D 327 -14.84 16.81 25.56
N LEU D 328 -14.41 17.78 24.75
CA LEU D 328 -13.01 17.85 24.36
C LEU D 328 -12.11 18.13 25.56
N VAL D 329 -12.51 19.06 26.42
CA VAL D 329 -11.67 19.42 27.57
C VAL D 329 -11.60 18.26 28.56
N GLN D 330 -12.72 17.57 28.79
CA GLN D 330 -12.71 16.40 29.67
C GLN D 330 -11.76 15.33 29.14
N CYS D 331 -11.79 15.08 27.82
CA CYS D 331 -10.88 14.10 27.24
C CYS D 331 -9.43 14.52 27.40
N ILE D 332 -9.16 15.82 27.30
CA ILE D 332 -7.80 16.31 27.47
C ILE D 332 -7.35 16.18 28.92
N GLN D 333 -8.23 16.53 29.86
CA GLN D 333 -7.86 16.50 31.27
C GLN D 333 -7.76 15.07 31.80
N ASN D 334 -8.80 14.26 31.57
CA ASN D 334 -8.82 12.89 32.09
C ASN D 334 -9.80 12.09 31.25
N LYS D 335 -9.26 11.31 30.31
CA LYS D 335 -10.07 10.54 29.38
C LYS D 335 -10.78 9.38 30.07
N PRO D 336 -10.11 8.60 30.93
CA PRO D 336 -10.83 7.54 31.66
C PRO D 336 -11.98 8.08 32.52
N LEU D 337 -11.76 9.21 33.20
CA LEU D 337 -12.85 9.81 33.96
C LEU D 337 -13.97 10.29 33.04
N TYR D 338 -13.62 10.75 31.84
CA TYR D 338 -14.64 11.17 30.88
C TYR D 338 -15.54 10.00 30.49
N PHE D 339 -14.95 8.86 30.15
CA PHE D 339 -15.76 7.69 29.79
C PHE D 339 -16.51 7.16 31.01
N ALA D 340 -15.90 7.23 32.19
CA ALA D 340 -16.60 6.80 33.40
C ALA D 340 -17.80 7.71 33.69
N ASP D 341 -17.69 9.00 33.38
CA ASP D 341 -18.82 9.90 33.57
C ASP D 341 -19.93 9.61 32.57
N ARG D 342 -19.59 9.30 31.32
CA ARG D 342 -20.61 9.00 30.34
C ARG D 342 -21.27 7.65 30.61
N LEU D 343 -20.51 6.68 31.12
CA LEU D 343 -21.11 5.41 31.51
C LEU D 343 -22.11 5.61 32.64
N TYR D 344 -21.76 6.43 33.64
CA TYR D 344 -22.68 6.73 34.72
C TYR D 344 -23.92 7.45 34.21
N ASP D 345 -23.74 8.43 33.31
CA ASP D 345 -24.87 9.18 32.79
C ASP D 345 -25.81 8.28 31.98
N SER D 346 -25.26 7.25 31.31
CA SER D 346 -26.10 6.37 30.50
C SER D 346 -26.95 5.44 31.35
N MET D 347 -26.63 5.29 32.64
CA MET D 347 -27.33 4.35 33.50
C MET D 347 -27.97 4.96 34.73
N LYS D 348 -27.64 6.21 35.09
CA LYS D 348 -28.01 6.74 36.40
C LYS D 348 -29.53 6.89 36.53
N GLY D 349 -30.21 7.28 35.45
CA GLY D 349 -31.61 7.63 35.51
C GLY D 349 -32.53 6.50 35.09
N LYS D 350 -33.75 6.86 34.74
CA LYS D 350 -34.73 5.89 34.27
C LYS D 350 -34.26 5.23 32.98
N GLY D 351 -34.39 3.91 32.90
CA GLY D 351 -33.95 3.20 31.72
C GLY D 351 -32.43 3.25 31.56
N THR D 352 -32.01 3.08 30.31
CA THR D 352 -30.59 3.05 29.98
C THR D 352 -30.36 3.67 28.62
N ARG D 353 -29.29 4.45 28.49
CA ARG D 353 -28.83 4.93 27.18
C ARG D 353 -27.95 3.83 26.59
N ASP D 354 -28.62 2.78 26.09
CA ASP D 354 -27.91 1.57 25.67
C ASP D 354 -26.91 1.85 24.55
N LYS D 355 -27.23 2.80 23.66
CA LYS D 355 -26.31 3.12 22.56
C LYS D 355 -24.97 3.60 23.09
N VAL D 356 -24.98 4.49 24.09
CA VAL D 356 -23.74 5.02 24.64
C VAL D 356 -23.05 3.95 25.48
N LEU D 357 -23.82 3.22 26.29
CA LEU D 357 -23.24 2.19 27.15
C LEU D 357 -22.54 1.12 26.32
N ILE D 358 -23.17 0.68 25.23
CA ILE D 358 -22.59 -0.37 24.40
C ILE D 358 -21.33 0.14 23.70
N ARG D 359 -21.38 1.33 23.12
CA ARG D 359 -20.26 1.82 22.33
C ARG D 359 -19.01 2.01 23.19
N ILE D 360 -19.19 2.46 24.43
CA ILE D 360 -18.03 2.67 25.31
C ILE D 360 -17.46 1.34 25.77
N MET D 361 -18.33 0.40 26.17
CA MET D 361 -17.86 -0.90 26.62
C MET D 361 -17.18 -1.66 25.49
N VAL D 362 -17.65 -1.50 24.26
CA VAL D 362 -17.04 -2.19 23.12
C VAL D 362 -15.70 -1.55 22.76
N SER D 363 -15.70 -0.22 22.59
CA SER D 363 -14.54 0.47 22.04
C SER D 363 -13.41 0.65 23.05
N ARG D 364 -13.70 0.61 24.35
CA ARG D 364 -12.69 0.82 25.37
C ARG D 364 -12.32 -0.45 26.13
N SER D 365 -12.88 -1.60 25.76
CA SER D 365 -12.60 -2.83 26.49
C SER D 365 -11.13 -3.23 26.42
N GLU D 366 -10.44 -2.86 25.34
CA GLU D 366 -9.04 -3.22 25.16
C GLU D 366 -8.11 -2.01 25.21
N VAL D 367 -8.60 -0.85 25.64
CA VAL D 367 -7.78 0.34 25.68
C VAL D 367 -7.45 0.71 27.12
N ASP D 368 -8.45 1.17 27.87
CA ASP D 368 -8.24 1.70 29.20
C ASP D 368 -9.41 1.36 30.11
N MET D 369 -9.98 0.16 29.96
CA MET D 369 -11.12 -0.23 30.78
C MET D 369 -10.76 -0.31 32.25
N LEU D 370 -9.52 -0.65 32.56
CA LEU D 370 -9.11 -0.72 33.97
C LEU D 370 -9.03 0.66 34.59
N LYS D 371 -8.53 1.65 33.85
CA LYS D 371 -8.50 3.02 34.37
C LYS D 371 -9.91 3.58 34.50
N ILE D 372 -10.79 3.25 33.56
CA ILE D 372 -12.19 3.70 33.63
C ILE D 372 -12.86 3.16 34.88
N ARG D 373 -12.72 1.85 35.12
CA ARG D 373 -13.28 1.25 36.33
C ARG D 373 -12.68 1.87 37.58
N SER D 374 -11.39 2.21 37.54
CA SER D 374 -10.75 2.85 38.68
C SER D 374 -11.35 4.22 38.94
N GLU D 375 -11.44 5.06 37.90
CA GLU D 375 -12.07 6.36 38.06
C GLU D 375 -13.52 6.23 38.48
N PHE D 376 -14.23 5.25 37.92
CA PHE D 376 -15.64 5.07 38.24
C PHE D 376 -15.85 4.72 39.71
N LYS D 377 -15.15 3.69 40.19
CA LYS D 377 -15.26 3.30 41.59
C LYS D 377 -14.81 4.42 42.53
N ARG D 378 -13.82 5.20 42.11
CA ARG D 378 -13.31 6.29 42.94
C ARG D 378 -14.38 7.37 43.13
N LYS D 379 -15.06 7.75 42.04
CA LYS D 379 -16.00 8.87 42.12
C LYS D 379 -17.35 8.43 42.67
N TYR D 380 -17.82 7.24 42.31
CA TYR D 380 -19.20 6.85 42.58
C TYR D 380 -19.35 5.85 43.72
N GLY D 381 -18.26 5.39 44.32
CA GLY D 381 -18.36 4.53 45.49
C GLY D 381 -18.72 3.08 45.18
N LYS D 382 -19.40 2.85 44.06
CA LYS D 382 -19.72 1.52 43.59
C LYS D 382 -18.98 1.24 42.30
N SER D 383 -18.91 -0.05 41.94
CA SER D 383 -18.15 -0.45 40.77
C SER D 383 -18.97 -0.26 39.50
N LEU D 384 -18.25 -0.14 38.38
CA LEU D 384 -18.91 -0.15 37.07
C LEU D 384 -19.63 -1.47 36.84
N TYR D 385 -19.03 -2.56 37.32
CA TYR D 385 -19.70 -3.87 37.30
C TYR D 385 -21.05 -3.80 38.01
N TYR D 386 -21.12 -3.09 39.12
CA TYR D 386 -22.35 -3.00 39.90
C TYR D 386 -23.44 -2.28 39.13
N TYR D 387 -23.12 -1.13 38.53
CA TYR D 387 -24.13 -0.35 37.83
C TYR D 387 -24.63 -1.06 36.57
N ILE D 388 -23.73 -1.72 35.84
CA ILE D 388 -24.16 -2.53 34.69
C ILE D 388 -25.09 -3.63 35.17
N GLN D 389 -24.80 -4.22 36.32
CA GLN D 389 -25.64 -5.29 36.86
C GLN D 389 -27.05 -4.79 37.15
N GLN D 390 -27.18 -3.57 37.66
CA GLN D 390 -28.49 -3.05 38.06
C GLN D 390 -29.31 -2.56 36.88
N ASP D 391 -28.66 -2.14 35.79
CA ASP D 391 -29.36 -1.53 34.66
C ASP D 391 -29.66 -2.49 33.53
N THR D 392 -28.90 -3.58 33.39
CA THR D 392 -29.06 -4.51 32.28
C THR D 392 -29.31 -5.91 32.83
N LYS D 393 -30.03 -6.72 32.04
CA LYS D 393 -30.38 -8.08 32.41
C LYS D 393 -30.13 -9.02 31.23
N GLY D 394 -30.16 -10.32 31.52
CA GLY D 394 -30.08 -11.33 30.49
C GLY D 394 -28.67 -11.56 29.98
N ASP D 395 -28.59 -12.20 28.81
CA ASP D 395 -27.30 -12.41 28.18
C ASP D 395 -26.66 -11.09 27.77
N TYR D 396 -27.48 -10.07 27.50
CA TYR D 396 -26.97 -8.74 27.23
C TYR D 396 -26.16 -8.21 28.41
N GLN D 397 -26.66 -8.45 29.63
CA GLN D 397 -25.90 -8.06 30.82
C GLN D 397 -24.59 -8.83 30.91
N LYS D 398 -24.62 -10.13 30.63
CA LYS D 398 -23.41 -10.95 30.76
C LYS D 398 -22.33 -10.50 29.79
N ALA D 399 -22.73 -10.07 28.58
CA ALA D 399 -21.75 -9.61 27.61
C ALA D 399 -21.05 -8.35 28.09
N LEU D 400 -21.82 -7.39 28.63
CA LEU D 400 -21.22 -6.17 29.15
C LEU D 400 -20.32 -6.45 30.34
N LEU D 401 -20.74 -7.39 31.21
CA LEU D 401 -19.93 -7.72 32.38
C LEU D 401 -18.61 -8.35 31.97
N TYR D 402 -18.60 -9.14 30.91
CA TYR D 402 -17.34 -9.68 30.40
C TYR D 402 -16.46 -8.58 29.83
N LEU D 403 -17.07 -7.63 29.10
CA LEU D 403 -16.31 -6.50 28.60
C LEU D 403 -15.77 -5.63 29.72
N CYS D 404 -16.49 -5.57 30.85
CA CYS D 404 -15.98 -4.87 32.01
C CYS D 404 -14.73 -5.55 32.55
N GLY D 405 -14.74 -6.88 32.62
CA GLY D 405 -13.57 -7.65 32.99
C GLY D 405 -13.51 -8.09 34.44
N GLY D 406 -14.33 -7.50 35.30
CA GLY D 406 -14.31 -7.87 36.70
C GLY D 406 -15.03 -6.83 37.54
N ASP D 407 -15.06 -7.10 38.84
CA ASP D 407 -15.70 -6.22 39.80
C ASP D 407 -14.68 -5.25 40.39
N ASP D 408 -15.15 -4.06 40.77
CA ASP D 408 -14.29 -2.97 41.22
C ASP D 408 -13.24 -2.64 40.17
N PRO E 7 -18.76 -40.42 53.08
CA PRO E 7 -20.11 -39.93 52.82
C PRO E 7 -20.85 -40.79 51.80
N THR E 9 -23.35 -44.26 50.64
CA THR E 9 -24.52 -45.04 51.03
C THR E 9 -24.90 -46.05 49.95
N THR E 10 -25.14 -47.29 50.37
CA THR E 10 -25.45 -48.37 49.44
C THR E 10 -26.93 -48.36 49.09
N LEU E 11 -27.23 -48.71 47.84
CA LEU E 11 -28.60 -48.71 47.32
C LEU E 11 -28.88 -49.95 46.47
N PRO F 7 17.18 -18.14 -17.66
CA PRO F 7 18.47 -18.14 -16.96
C PRO F 7 19.65 -18.00 -17.93
N THR F 9 23.56 -16.44 -18.92
CA THR F 9 24.84 -16.16 -18.28
C THR F 9 25.86 -15.68 -19.31
N THR F 10 26.36 -14.47 -19.10
CA THR F 10 27.33 -13.85 -20.00
C THR F 10 28.74 -14.35 -19.65
N LEU F 11 29.40 -14.97 -20.62
CA LEU F 11 30.76 -15.48 -20.41
C LEU F 11 31.72 -14.94 -21.48
#